data_4Z66
#
_entry.id   4Z66
#
_cell.length_a   105.730
_cell.length_b   109.630
_cell.length_c   181.110
_cell.angle_alpha   90.000
_cell.angle_beta   90.000
_cell.angle_gamma   90.000
#
_symmetry.space_group_name_H-M   'P 21 21 21'
#
loop_
_entity.id
_entity.type
_entity.pdbx_description
1 polymer 'Histone H3.2'
2 polymer 'Histone H4'
3 polymer 'Histone H2A'
4 polymer 'Histone H2B 1.1'
5 polymer 'DNA (147-MER)'
6 polymer 'DNA (147-MER)'
7 water water
#
loop_
_entity_poly.entity_id
_entity_poly.type
_entity_poly.pdbx_seq_one_letter_code
_entity_poly.pdbx_strand_id
1 'polypeptide(L)'
;PHRYRPGTVALREIRRYQKSTELLIRKLPFQRLVREIAQDFKTDLRFQSSAVMALQEASEAYLVALFEDTNLCAIHAKRV
TIMP(ALY)DIQLARRIRGERA
;
A,E
2 'polypeptide(L)'
;VLRDNIQGITKPAIRRLARRGGVKRISGLIYEETRGVLKVFLENVIRDAVTYTEHAKRKTVTAMDVVYALKRQGRTLYGF
GG
;
B,F
3 'polypeptide(L)'
;AKTRSSRAGLQFPVGRVHRLLRKGNYAERVGAGAPVYLAAVLEYLTAEILELAGNAARDNKKTRIIPRHLQLAVRNDEEL
NKLLGRVTIAQGGVLPNIQSVLLPKKT
;
C,G
4 'polypeptide(L)'
;TRKESYAIYVYKVLKQVHPDTGISSKAMSIMNSFVNDVFERIAGEASRLAHYNKRSTITSREIQTAVRLLLPGELAKHAV
SEGTKAVTKYTSAK
;
D,H
5 'polydeoxyribonucleotide'
;(DA)(DT)(DC)(DA)(DA)(DT)(DA)(DT)(DC)(DC)(DA)(DC)(DC)(DT)(DG)(DC)(DA)(DG)(DA)(DT)
(DA)(DC)(DT)(DA)(DC)(DC)(DA)(DA)(DA)(DA)(DG)(DT)(DG)(DT)(DA)(DT)(DT)(DT)(DG)(DG)
(DA)(DA)(DA)(DC)(DT)(DG)(DC)(DT)(DC)(DC)(DA)(DT)(DC)(DA)(DA)(DA)(DA)(DG)(DG)(DC)
(DA)(DT)(DG)(DT)(DT)(DC)(DA)(DG)(DC)(DT)(DG)(DG)(DA)(DA)(DT)(DC)(DC)(DA)(DG)(DC)
(DT)(DG)(DA)(DA)(DC)(DA)(DT)(DG)(DC)(DC)(DT)(DT)(DT)(DT)(DG)(DA)(DT)(DG)(DG)(DA)
(DG)(DC)(DA)(DG)(DT)(DT)(DT)(DC)(DC)(DA)(DA)(DA)(DT)(DA)(DC)(DA)(DC)(DT)(DT)(DT)
(DT)(DG)(DG)(DT)(DA)(DG)(DT)(DA)(DT)(DC)(DT)(DG)(DC)(DA)(DG)(DG)(DT)(DG)(DG)(DA)
(DT)(DA)(DT)(DT)(DG)(DA)(DT)
;
I
6 'polydeoxyribonucleotide'
;(DA)(DT)(DC)(DA)(DA)(DT)(DA)(DT)(DC)(DC)(DA)(DC)(DC)(DT)(DG)(DC)(DA)(DG)(DA)(DT)
(DA)(DC)(DT)(DA)(DC)(DC)(DA)(DA)(DA)(DA)(DG)(DT)(DG)(DT)(DA)(DT)(DT)(DT)(DG)(DG)
(DA)(DA)(DA)(DC)(DT)(DG)(DC)(DT)(DC)(DC)(DA)(DT)(DC)(DA)(DA)(DA)(DA)(DG)(DG)(DC)
(DA)(DT)(DG)(DT)(DT)(DC)(DA)(DG)(DC)(DT)(DG)(DG)(DA)(DT)(DT)(DC)(DC)(DA)(DG)(DC)
(DT)(DG)(DA)(DA)(DC)(DA)(DT)(DG)(DC)(DC)(DT)(DT)(DT)(DT)(DG)(DA)(DT)(DG)(DG)(DA)
(DG)(DC)(DA)(DG)(DT)(DT)(DT)(DC)(DC)(DA)(DA)(DA)(DT)(DA)(DC)(DA)(DC)(DT)(DT)(DT)
(DT)(DG)(DG)(DT)(DA)(DG)(DT)(DA)(DT)(DC)(DT)(DG)(DC)(DA)(DG)(DG)(DT)(DG)(DG)(DA)
(DT)(DA)(DT)(DT)(DG)(DA)(DT)
;
J
#
# COMPACT_ATOMS: atom_id res chain seq x y z
N PRO A 1 -29.11 -42.15 21.92
CA PRO A 1 -27.80 -41.45 21.96
C PRO A 1 -27.55 -40.73 20.65
N HIS A 2 -28.06 -39.50 20.53
CA HIS A 2 -27.86 -38.74 19.31
C HIS A 2 -26.45 -38.17 19.20
N ARG A 3 -25.96 -38.11 17.98
CA ARG A 3 -24.61 -37.61 17.73
C ARG A 3 -24.46 -37.14 16.28
N TYR A 4 -24.11 -35.86 16.09
CA TYR A 4 -23.93 -35.31 14.75
C TYR A 4 -22.57 -35.73 14.17
N ARG A 5 -22.56 -36.02 12.88
CA ARG A 5 -21.34 -36.45 12.20
C ARG A 5 -20.26 -35.37 12.17
N PRO A 6 -18.99 -35.78 12.15
CA PRO A 6 -17.88 -34.81 12.13
C PRO A 6 -18.06 -33.85 10.95
N GLY A 7 -18.00 -32.55 11.22
CA GLY A 7 -18.15 -31.57 10.17
C GLY A 7 -19.52 -30.90 10.10
N THR A 8 -20.57 -31.61 10.48
CA THR A 8 -21.89 -31.01 10.44
C THR A 8 -22.02 -29.82 11.37
N VAL A 9 -21.56 -29.98 12.61
CA VAL A 9 -21.64 -28.87 13.56
C VAL A 9 -20.65 -27.76 13.20
N ALA A 10 -19.49 -28.14 12.67
CA ALA A 10 -18.49 -27.14 12.31
C ALA A 10 -19.07 -26.28 11.20
N LEU A 11 -19.71 -26.92 10.24
CA LEU A 11 -20.32 -26.24 9.12
C LEU A 11 -21.45 -25.34 9.65
N ARG A 12 -22.18 -25.88 10.62
CA ARG A 12 -23.28 -25.16 11.25
C ARG A 12 -22.74 -23.87 11.89
N GLU A 13 -21.52 -23.96 12.43
CA GLU A 13 -20.86 -22.83 13.08
C GLU A 13 -20.44 -21.78 12.05
N ILE A 14 -19.88 -22.22 10.94
CA ILE A 14 -19.45 -21.31 9.91
C ILE A 14 -20.63 -20.42 9.53
N ARG A 15 -21.78 -21.04 9.33
CA ARG A 15 -22.98 -20.30 8.98
C ARG A 15 -23.39 -19.33 10.06
N ARG A 16 -23.22 -19.76 11.32
CA ARG A 16 -23.59 -18.92 12.44
C ARG A 16 -22.67 -17.72 12.62
N TYR A 17 -21.37 -17.92 12.62
CA TYR A 17 -20.47 -16.80 12.79
C TYR A 17 -20.38 -15.87 11.56
N GLN A 18 -20.72 -16.37 10.38
CA GLN A 18 -20.67 -15.51 9.21
C GLN A 18 -21.91 -14.62 9.17
N LYS A 19 -22.91 -14.92 10.00
CA LYS A 19 -24.11 -14.09 10.00
C LYS A 19 -23.98 -12.95 11.00
N SER A 20 -23.18 -13.16 12.04
CA SER A 20 -23.00 -12.14 13.07
C SER A 20 -21.70 -11.34 12.95
N THR A 21 -21.60 -10.29 13.76
CA THR A 21 -20.44 -9.41 13.74
C THR A 21 -19.75 -9.24 15.10
N GLU A 22 -20.34 -9.78 16.15
CA GLU A 22 -19.77 -9.65 17.49
C GLU A 22 -18.33 -10.17 17.54
N LEU A 23 -17.50 -9.55 18.37
CA LEU A 23 -16.11 -9.98 18.47
C LEU A 23 -16.08 -11.39 19.04
N LEU A 24 -15.05 -12.16 18.65
CA LEU A 24 -14.97 -13.55 19.06
C LEU A 24 -13.92 -13.91 20.10
N ILE A 25 -13.04 -12.96 20.43
CA ILE A 25 -12.01 -13.20 21.46
C ILE A 25 -12.53 -12.57 22.76
N ARG A 26 -12.33 -13.23 23.89
CA ARG A 26 -12.80 -12.67 25.16
C ARG A 26 -12.09 -11.34 25.39
N LYS A 27 -12.86 -10.31 25.76
CA LYS A 27 -12.35 -8.96 25.96
C LYS A 27 -11.23 -8.75 26.97
N LEU A 28 -11.45 -9.12 28.23
CA LEU A 28 -10.42 -8.94 29.26
C LEU A 28 -9.12 -9.66 28.91
N PRO A 29 -9.22 -10.90 28.42
CA PRO A 29 -7.99 -11.60 28.06
C PRO A 29 -7.25 -10.82 26.97
N PHE A 30 -8.02 -10.24 26.05
CA PHE A 30 -7.42 -9.48 24.96
C PHE A 30 -6.75 -8.22 25.50
N GLN A 31 -7.47 -7.49 26.34
CA GLN A 31 -6.94 -6.27 26.92
C GLN A 31 -5.59 -6.56 27.58
N ARG A 32 -5.50 -7.66 28.33
CA ARG A 32 -4.25 -8.02 28.99
C ARG A 32 -3.12 -8.21 27.96
N LEU A 33 -3.42 -8.95 26.90
CA LEU A 33 -2.43 -9.18 25.88
C LEU A 33 -1.93 -7.82 25.38
N VAL A 34 -2.86 -6.95 25.03
CA VAL A 34 -2.52 -5.62 24.54
C VAL A 34 -1.61 -4.83 25.49
N ARG A 35 -2.00 -4.75 26.75
CA ARG A 35 -1.22 -4.01 27.73
C ARG A 35 0.18 -4.60 27.90
N GLU A 36 0.28 -5.92 27.89
CA GLU A 36 1.58 -6.55 28.04
C GLU A 36 2.51 -6.16 26.89
N ILE A 37 2.03 -6.30 25.66
CA ILE A 37 2.85 -5.96 24.49
C ILE A 37 3.31 -4.52 24.52
N ALA A 38 2.41 -3.59 24.81
CA ALA A 38 2.73 -2.18 24.85
C ALA A 38 3.76 -1.88 25.93
N GLN A 39 3.62 -2.55 27.08
CA GLN A 39 4.53 -2.38 28.19
C GLN A 39 5.98 -2.53 27.73
N ASP A 40 6.16 -3.21 26.60
CA ASP A 40 7.50 -3.42 26.06
C ASP A 40 8.07 -2.22 25.33
N PHE A 41 7.22 -1.27 24.96
CA PHE A 41 7.72 -0.11 24.24
C PHE A 41 7.74 1.12 25.12
N LYS A 42 6.83 1.15 26.09
CA LYS A 42 6.74 2.25 27.02
C LYS A 42 6.00 1.81 28.27
N THR A 43 6.62 2.05 29.43
CA THR A 43 6.04 1.67 30.71
C THR A 43 4.96 2.61 31.23
N ASP A 44 4.13 2.08 32.12
CA ASP A 44 3.01 2.81 32.74
C ASP A 44 2.10 3.56 31.77
N LEU A 45 1.56 2.82 30.81
CA LEU A 45 0.67 3.40 29.82
C LEU A 45 -0.78 3.15 30.19
N ARG A 46 -1.65 4.06 29.76
CA ARG A 46 -3.07 3.90 29.98
C ARG A 46 -3.67 3.77 28.59
N PHE A 47 -4.83 3.11 28.51
CA PHE A 47 -5.51 2.91 27.24
C PHE A 47 -6.97 3.36 27.28
N GLN A 48 -7.37 4.22 26.34
CA GLN A 48 -8.78 4.63 26.26
C GLN A 48 -9.52 3.33 25.95
N SER A 49 -10.71 3.14 26.50
CA SER A 49 -11.43 1.91 26.21
C SER A 49 -11.65 1.78 24.69
N SER A 50 -11.86 2.90 24.01
CA SER A 50 -12.10 2.87 22.58
C SER A 50 -10.84 2.45 21.82
N ALA A 51 -9.67 2.71 22.41
CA ALA A 51 -8.41 2.34 21.80
C ALA A 51 -8.33 0.82 21.76
N VAL A 52 -8.51 0.18 22.92
CA VAL A 52 -8.46 -1.26 23.00
C VAL A 52 -9.45 -1.89 22.02
N MET A 53 -10.69 -1.41 22.04
CA MET A 53 -11.69 -1.92 21.12
C MET A 53 -11.28 -1.75 19.67
N ALA A 54 -10.52 -0.69 19.37
CA ALA A 54 -10.06 -0.47 17.98
C ALA A 54 -9.04 -1.55 17.63
N LEU A 55 -8.14 -1.85 18.56
CA LEU A 55 -7.14 -2.89 18.34
C LEU A 55 -7.86 -4.21 18.10
N GLN A 56 -8.85 -4.53 18.94
CA GLN A 56 -9.57 -5.78 18.79
C GLN A 56 -10.29 -5.91 17.46
N GLU A 57 -11.09 -4.91 17.09
CA GLU A 57 -11.79 -4.98 15.81
C GLU A 57 -10.78 -5.15 14.67
N ALA A 58 -9.63 -4.47 14.76
CA ALA A 58 -8.62 -4.58 13.70
C ALA A 58 -7.93 -5.93 13.68
N SER A 59 -7.68 -6.49 14.86
CA SER A 59 -7.03 -7.78 14.94
C SER A 59 -7.92 -8.93 14.47
N GLU A 60 -9.15 -8.95 14.94
CA GLU A 60 -10.05 -10.03 14.52
C GLU A 60 -10.26 -9.99 13.01
N ALA A 61 -10.58 -8.81 12.46
CA ALA A 61 -10.80 -8.65 11.04
C ALA A 61 -9.56 -9.09 10.28
N TYR A 62 -8.39 -8.90 10.88
CA TYR A 62 -7.15 -9.32 10.24
C TYR A 62 -7.04 -10.84 10.27
N LEU A 63 -7.23 -11.46 11.44
CA LEU A 63 -7.13 -12.91 11.55
C LEU A 63 -8.19 -13.62 10.73
N VAL A 64 -9.41 -13.08 10.71
CA VAL A 64 -10.49 -13.69 9.94
C VAL A 64 -10.13 -13.75 8.45
N ALA A 65 -9.65 -12.64 7.91
CA ALA A 65 -9.31 -12.61 6.51
C ALA A 65 -8.14 -13.53 6.24
N LEU A 66 -7.21 -13.64 7.19
CA LEU A 66 -6.06 -14.54 7.01
C LEU A 66 -6.52 -15.99 6.98
N PHE A 67 -7.56 -16.32 7.77
CA PHE A 67 -8.06 -17.69 7.76
C PHE A 67 -8.72 -17.96 6.41
N GLU A 68 -9.25 -16.92 5.77
CA GLU A 68 -9.88 -17.12 4.48
C GLU A 68 -8.82 -17.54 3.48
N ASP A 69 -7.69 -16.83 3.49
CA ASP A 69 -6.57 -17.11 2.58
C ASP A 69 -5.94 -18.46 2.90
N THR A 70 -5.78 -18.72 4.19
CA THR A 70 -5.21 -19.96 4.66
C THR A 70 -6.08 -21.12 4.14
N ASN A 71 -7.39 -20.98 4.32
CA ASN A 71 -8.31 -22.00 3.89
C ASN A 71 -8.17 -22.24 2.39
N LEU A 72 -7.92 -21.19 1.62
CA LEU A 72 -7.73 -21.36 0.18
C LEU A 72 -6.44 -22.13 -0.14
N CYS A 73 -5.40 -21.96 0.69
CA CYS A 73 -4.15 -22.66 0.45
C CYS A 73 -4.26 -24.14 0.82
N ALA A 74 -5.06 -24.45 1.83
CA ALA A 74 -5.26 -25.84 2.23
C ALA A 74 -6.06 -26.50 1.12
N ILE A 75 -7.11 -25.82 0.67
CA ILE A 75 -7.93 -26.36 -0.40
C ILE A 75 -7.08 -26.53 -1.67
N HIS A 76 -6.13 -25.62 -1.89
CA HIS A 76 -5.27 -25.71 -3.06
C HIS A 76 -4.50 -27.01 -2.97
N ALA A 77 -4.11 -27.38 -1.76
CA ALA A 77 -3.35 -28.59 -1.50
C ALA A 77 -4.26 -29.81 -1.42
N LYS A 78 -5.49 -29.66 -1.89
CA LYS A 78 -6.46 -30.75 -1.90
C LYS A 78 -6.79 -31.28 -0.50
N ARG A 79 -6.75 -30.39 0.48
CA ARG A 79 -7.08 -30.74 1.86
C ARG A 79 -8.29 -29.89 2.28
N VAL A 80 -8.84 -30.17 3.44
CA VAL A 80 -9.95 -29.39 3.96
C VAL A 80 -9.56 -28.96 5.37
N THR A 81 -8.37 -29.42 5.78
CA THR A 81 -7.80 -29.13 7.10
C THR A 81 -6.65 -28.16 6.97
N ILE A 82 -6.84 -26.94 7.49
CA ILE A 82 -5.80 -25.92 7.44
C ILE A 82 -4.66 -26.25 8.39
N MET A 83 -3.43 -25.99 7.95
CA MET A 83 -2.27 -26.27 8.75
C MET A 83 -1.32 -25.06 8.77
N PRO A 84 -0.31 -25.08 9.65
CA PRO A 84 0.65 -23.98 9.76
C PRO A 84 1.24 -23.56 8.41
N ASP A 86 -0.11 -23.66 5.63
CA ASP A 86 -1.10 -22.93 4.85
C ASP A 86 -1.04 -21.47 5.30
N ILE A 87 -0.86 -21.23 6.60
CA ILE A 87 -0.79 -19.86 7.12
C ILE A 87 0.51 -19.19 6.64
N GLN A 88 1.60 -19.94 6.67
CA GLN A 88 2.90 -19.44 6.25
C GLN A 88 2.85 -19.07 4.79
N LEU A 89 2.36 -19.97 3.96
CA LEU A 89 2.23 -19.71 2.53
C LEU A 89 1.40 -18.45 2.26
N ALA A 90 0.31 -18.28 3.00
CA ALA A 90 -0.53 -17.11 2.83
C ALA A 90 0.20 -15.84 3.26
N ARG A 91 0.88 -15.87 4.38
CA ARG A 91 1.59 -14.67 4.84
C ARG A 91 2.79 -14.35 3.93
N ARG A 92 3.46 -15.38 3.45
CA ARG A 92 4.59 -15.18 2.57
C ARG A 92 4.12 -14.49 1.27
N ILE A 93 3.00 -14.95 0.70
CA ILE A 93 2.51 -14.36 -0.53
C ILE A 93 1.98 -12.95 -0.32
N ARG A 94 1.42 -12.68 0.85
CA ARG A 94 0.92 -11.34 1.15
C ARG A 94 2.08 -10.35 1.34
N GLY A 95 3.29 -10.89 1.43
CA GLY A 95 4.45 -10.04 1.62
C GLY A 95 4.66 -9.69 3.08
N GLU A 96 3.91 -10.34 3.97
CA GLU A 96 4.07 -10.07 5.40
C GLU A 96 5.21 -10.89 5.94
N ARG A 97 5.73 -11.78 5.10
CA ARG A 97 6.79 -12.69 5.49
C ARG A 97 8.06 -12.54 4.65
N ALA A 98 8.18 -13.35 3.59
CA ALA A 98 9.36 -13.31 2.72
C ALA A 98 9.02 -12.98 1.27
N ASP B 4 0.35 -17.47 31.02
CA ASP B 4 0.84 -16.33 30.21
C ASP B 4 -0.34 -15.71 29.45
N ASN B 5 -0.17 -14.49 28.96
CA ASN B 5 -1.23 -13.74 28.28
C ASN B 5 -1.57 -14.11 26.84
N ILE B 6 -0.57 -14.23 25.97
CA ILE B 6 -0.86 -14.61 24.60
C ILE B 6 -1.60 -15.94 24.66
N GLN B 7 -1.26 -16.76 25.65
CA GLN B 7 -1.93 -18.05 25.84
C GLN B 7 -3.35 -17.84 26.35
N GLY B 8 -3.68 -16.58 26.67
CA GLY B 8 -5.00 -16.24 27.15
C GLY B 8 -5.98 -16.18 26.00
N ILE B 9 -5.44 -16.15 24.78
CA ILE B 9 -6.25 -16.15 23.56
C ILE B 9 -6.50 -17.64 23.39
N THR B 10 -7.65 -18.08 23.88
CA THR B 10 -8.05 -19.48 23.87
C THR B 10 -8.29 -20.16 22.54
N LYS B 11 -8.18 -21.48 22.55
CA LYS B 11 -8.43 -22.30 21.36
C LYS B 11 -9.85 -22.08 20.80
N PRO B 12 -10.88 -22.10 21.66
CA PRO B 12 -12.24 -21.89 21.14
C PRO B 12 -12.40 -20.58 20.39
N ALA B 13 -11.69 -19.54 20.85
CA ALA B 13 -11.75 -18.22 20.23
C ALA B 13 -11.04 -18.22 18.88
N ILE B 14 -9.94 -18.96 18.81
CA ILE B 14 -9.20 -19.05 17.55
C ILE B 14 -10.05 -19.87 16.59
N ARG B 15 -10.84 -20.79 17.13
CA ARG B 15 -11.72 -21.61 16.31
C ARG B 15 -12.87 -20.76 15.80
N ARG B 16 -13.47 -19.95 16.67
CA ARG B 16 -14.58 -19.09 16.25
C ARG B 16 -14.10 -18.18 15.12
N LEU B 17 -12.89 -17.64 15.28
CA LEU B 17 -12.27 -16.78 14.28
C LEU B 17 -12.15 -17.53 12.94
N ALA B 18 -11.61 -18.74 12.99
CA ALA B 18 -11.47 -19.54 11.78
C ALA B 18 -12.83 -19.79 11.11
N ARG B 19 -13.86 -20.04 11.93
CA ARG B 19 -15.21 -20.30 11.44
C ARG B 19 -15.72 -19.12 10.63
N ARG B 20 -15.56 -17.90 11.16
CA ARG B 20 -16.01 -16.72 10.44
C ARG B 20 -15.24 -16.59 9.12
N GLY B 21 -14.04 -17.17 9.10
CA GLY B 21 -13.21 -17.15 7.91
C GLY B 21 -13.50 -18.33 6.99
N GLY B 22 -14.61 -19.03 7.27
CA GLY B 22 -15.02 -20.18 6.46
C GLY B 22 -14.27 -21.49 6.64
N VAL B 23 -13.45 -21.62 7.69
CA VAL B 23 -12.66 -22.84 7.94
C VAL B 23 -13.51 -23.96 8.56
N LYS B 24 -13.40 -25.17 8.01
CA LYS B 24 -14.17 -26.32 8.49
C LYS B 24 -13.42 -27.33 9.38
N ARG B 25 -12.18 -27.65 9.02
CA ARG B 25 -11.36 -28.58 9.81
C ARG B 25 -10.11 -27.81 10.23
N ILE B 26 -9.64 -28.02 11.46
CA ILE B 26 -8.48 -27.32 11.98
C ILE B 26 -7.41 -28.22 12.61
N SER B 27 -6.19 -28.15 12.10
CA SER B 27 -5.09 -28.93 12.63
C SER B 27 -4.69 -28.46 14.02
N GLY B 28 -4.26 -29.37 14.87
CA GLY B 28 -3.88 -29.02 16.22
C GLY B 28 -2.76 -28.02 16.36
N LEU B 29 -1.91 -27.92 15.34
CA LEU B 29 -0.78 -26.98 15.38
C LEU B 29 -1.20 -25.52 15.10
N ILE B 30 -2.38 -25.34 14.53
CA ILE B 30 -2.90 -24.02 14.18
C ILE B 30 -3.01 -23.04 15.35
N TYR B 31 -3.50 -23.50 16.50
CA TYR B 31 -3.67 -22.61 17.65
C TYR B 31 -2.38 -21.91 18.06
N GLU B 32 -1.27 -22.62 18.09
CA GLU B 32 -0.02 -21.94 18.46
C GLU B 32 0.48 -21.09 17.30
N GLU B 33 0.20 -21.51 16.07
CA GLU B 33 0.64 -20.74 14.92
C GLU B 33 -0.04 -19.38 14.96
N THR B 34 -1.37 -19.43 15.10
CA THR B 34 -2.18 -18.23 15.15
C THR B 34 -1.73 -17.24 16.22
N ARG B 35 -1.64 -17.70 17.46
CA ARG B 35 -1.21 -16.84 18.57
C ARG B 35 0.05 -16.08 18.18
N GLY B 36 0.98 -16.80 17.59
CA GLY B 36 2.23 -16.17 17.18
C GLY B 36 2.01 -15.12 16.13
N VAL B 37 1.09 -15.38 15.20
CA VAL B 37 0.81 -14.41 14.16
C VAL B 37 0.12 -13.20 14.78
N LEU B 38 -0.79 -13.45 15.71
CA LEU B 38 -1.51 -12.35 16.34
C LEU B 38 -0.55 -11.41 17.08
N LYS B 39 0.43 -11.98 17.74
CA LYS B 39 1.39 -11.18 18.48
C LYS B 39 2.22 -10.29 17.55
N VAL B 40 2.61 -10.81 16.39
CA VAL B 40 3.38 -9.97 15.49
C VAL B 40 2.50 -8.83 15.01
N PHE B 41 1.24 -9.13 14.74
CA PHE B 41 0.33 -8.09 14.31
C PHE B 41 0.25 -6.98 15.35
N LEU B 42 -0.15 -7.33 16.58
CA LEU B 42 -0.29 -6.34 17.63
C LEU B 42 1.01 -5.58 17.96
N GLU B 43 2.15 -6.27 17.96
CA GLU B 43 3.38 -5.56 18.23
C GLU B 43 3.61 -4.50 17.17
N ASN B 44 3.40 -4.85 15.90
CA ASN B 44 3.60 -3.86 14.83
C ASN B 44 2.69 -2.64 14.96
N VAL B 45 1.41 -2.87 15.19
CA VAL B 45 0.44 -1.79 15.33
C VAL B 45 0.65 -0.96 16.60
N ILE B 46 0.80 -1.63 17.73
CA ILE B 46 1.01 -0.95 19.01
C ILE B 46 2.32 -0.14 19.00
N ARG B 47 3.38 -0.73 18.43
CA ARG B 47 4.67 -0.04 18.34
C ARG B 47 4.45 1.32 17.73
N ASP B 48 3.62 1.38 16.70
CA ASP B 48 3.35 2.65 16.02
C ASP B 48 2.41 3.56 16.81
N ALA B 49 1.37 3.00 17.42
CA ALA B 49 0.43 3.78 18.21
C ALA B 49 1.17 4.43 19.36
N VAL B 50 1.93 3.64 20.09
CA VAL B 50 2.68 4.18 21.20
C VAL B 50 3.63 5.28 20.72
N THR B 51 4.20 5.12 19.53
CA THR B 51 5.09 6.14 19.00
C THR B 51 4.32 7.45 18.83
N TYR B 52 3.10 7.39 18.30
CA TYR B 52 2.30 8.59 18.14
C TYR B 52 1.93 9.10 19.54
N THR B 53 1.73 8.19 20.49
CA THR B 53 1.37 8.56 21.86
C THR B 53 2.50 9.38 22.50
N GLU B 54 3.73 8.89 22.43
CA GLU B 54 4.85 9.61 23.01
C GLU B 54 5.08 10.94 22.33
N HIS B 55 4.90 10.97 21.01
CA HIS B 55 5.12 12.21 20.31
C HIS B 55 4.21 13.31 20.86
N ALA B 56 2.99 12.95 21.22
CA ALA B 56 2.04 13.93 21.72
C ALA B 56 2.24 14.20 23.22
N LYS B 57 3.29 13.62 23.80
CA LYS B 57 3.59 13.81 25.21
C LYS B 57 2.44 13.34 26.11
N ARG B 58 1.81 12.23 25.75
CA ARG B 58 0.73 11.67 26.55
C ARG B 58 1.19 10.37 27.18
N LYS B 59 0.40 9.85 28.10
CA LYS B 59 0.72 8.60 28.78
C LYS B 59 -0.48 7.68 28.60
N THR B 60 -1.37 8.07 27.69
CA THR B 60 -2.58 7.32 27.39
C THR B 60 -2.74 7.09 25.90
N VAL B 61 -2.77 5.82 25.48
CA VAL B 61 -2.95 5.50 24.08
C VAL B 61 -4.40 5.81 23.72
N THR B 62 -4.61 6.66 22.73
CA THR B 62 -5.96 7.02 22.31
C THR B 62 -6.40 6.23 21.07
N ALA B 63 -7.71 6.15 20.89
CA ALA B 63 -8.28 5.47 19.75
C ALA B 63 -7.60 6.01 18.50
N MET B 64 -7.52 7.33 18.40
CA MET B 64 -6.90 7.98 17.26
C MET B 64 -5.46 7.53 17.02
N ASP B 65 -4.69 7.30 18.10
CA ASP B 65 -3.31 6.85 17.97
C ASP B 65 -3.31 5.51 17.24
N VAL B 66 -4.25 4.66 17.64
CA VAL B 66 -4.40 3.32 17.06
C VAL B 66 -4.84 3.40 15.61
N VAL B 67 -5.86 4.22 15.35
CA VAL B 67 -6.37 4.42 14.01
C VAL B 67 -5.29 4.93 13.05
N TYR B 68 -4.46 5.87 13.51
CA TYR B 68 -3.37 6.37 12.68
C TYR B 68 -2.34 5.25 12.46
N ALA B 69 -2.11 4.43 13.47
CA ALA B 69 -1.16 3.33 13.35
C ALA B 69 -1.66 2.36 12.30
N LEU B 70 -2.94 2.00 12.40
CA LEU B 70 -3.54 1.10 11.45
C LEU B 70 -3.49 1.68 10.03
N LYS B 71 -3.79 2.95 9.88
CA LYS B 71 -3.75 3.54 8.56
C LYS B 71 -2.39 3.46 7.88
N ARG B 72 -1.31 3.73 8.61
CA ARG B 72 0.01 3.67 7.99
C ARG B 72 0.52 2.26 7.81
N GLN B 73 -0.15 1.27 8.41
CA GLN B 73 0.19 -0.14 8.24
C GLN B 73 -0.69 -0.67 7.07
N GLY B 74 -1.47 0.22 6.47
CA GLY B 74 -2.35 -0.16 5.38
C GLY B 74 -3.54 -1.00 5.84
N ARG B 75 -4.00 -0.77 7.06
CA ARG B 75 -5.15 -1.50 7.61
C ARG B 75 -6.20 -0.50 8.09
N THR B 76 -6.46 0.55 7.32
CA THR B 76 -7.44 1.57 7.69
C THR B 76 -8.67 1.01 8.41
N LEU B 77 -9.09 1.71 9.46
CA LEU B 77 -10.24 1.28 10.24
C LEU B 77 -11.24 2.43 10.39
N TYR B 78 -12.49 2.16 10.03
CA TYR B 78 -13.56 3.15 10.12
C TYR B 78 -14.31 2.90 11.42
N GLY B 79 -14.79 3.97 12.05
CA GLY B 79 -15.56 3.82 13.27
C GLY B 79 -15.01 4.39 14.57
N PHE B 80 -13.71 4.62 14.64
CA PHE B 80 -13.16 5.13 15.89
C PHE B 80 -12.54 6.49 15.71
N GLY B 81 -13.22 7.36 14.96
CA GLY B 81 -12.70 8.68 14.70
C GLY B 81 -11.68 8.50 13.59
N GLY B 82 -11.33 9.57 12.88
CA GLY B 82 -10.35 9.40 11.82
C GLY B 82 -10.88 8.60 10.63
N ALA C 1 31.55 32.98 6.22
CA ALA C 1 30.18 32.39 6.14
C ALA C 1 30.21 30.93 5.71
N LYS C 2 30.11 30.02 6.66
CA LYS C 2 30.11 28.59 6.36
C LYS C 2 28.72 28.19 5.85
N THR C 3 28.63 27.01 5.25
CA THR C 3 27.35 26.52 4.78
C THR C 3 26.70 25.87 6.00
N ARG C 4 25.39 25.75 5.99
CA ARG C 4 24.69 25.12 7.11
C ARG C 4 25.10 23.65 7.23
N SER C 5 25.53 23.08 6.12
CA SER C 5 25.95 21.69 6.13
C SER C 5 27.25 21.54 6.91
N SER C 6 28.20 22.47 6.74
CA SER C 6 29.45 22.37 7.47
C SER C 6 29.17 22.64 8.95
N ARG C 7 28.28 23.59 9.22
CA ARG C 7 27.93 23.88 10.61
C ARG C 7 27.43 22.61 11.28
N ALA C 8 26.71 21.78 10.52
CA ALA C 8 26.16 20.52 11.04
C ALA C 8 27.14 19.38 10.88
N GLY C 9 28.18 19.60 10.08
CA GLY C 9 29.17 18.57 9.86
C GLY C 9 28.62 17.51 8.93
N LEU C 10 27.95 17.96 7.87
CA LEU C 10 27.33 17.09 6.89
C LEU C 10 27.77 17.31 5.46
N GLN C 11 27.62 16.27 4.65
CA GLN C 11 27.98 16.30 3.24
C GLN C 11 26.75 16.72 2.44
N PHE C 12 25.60 16.18 2.81
CA PHE C 12 24.35 16.50 2.11
C PHE C 12 23.99 17.97 2.33
N PRO C 13 23.37 18.60 1.33
CA PRO C 13 22.97 20.01 1.36
C PRO C 13 21.80 20.37 2.28
N VAL C 14 22.10 20.98 3.42
CA VAL C 14 21.04 21.37 4.34
C VAL C 14 20.19 22.48 3.75
N GLY C 15 20.83 23.42 3.07
CA GLY C 15 20.09 24.51 2.45
C GLY C 15 19.06 24.01 1.46
N ARG C 16 19.43 23.00 0.69
CA ARG C 16 18.55 22.41 -0.33
C ARG C 16 17.38 21.69 0.33
N VAL C 17 17.70 20.77 1.23
CA VAL C 17 16.70 20.02 1.97
C VAL C 17 15.71 20.96 2.67
N HIS C 18 16.20 22.06 3.25
CA HIS C 18 15.30 23.01 3.91
C HIS C 18 14.42 23.65 2.86
N ARG C 19 15.00 23.87 1.68
CA ARG C 19 14.28 24.49 0.59
C ARG C 19 13.21 23.59 0.00
N LEU C 20 13.52 22.30 -0.12
CA LEU C 20 12.57 21.33 -0.67
C LEU C 20 11.42 21.09 0.30
N LEU C 21 11.69 21.16 1.60
CA LEU C 21 10.63 20.98 2.57
C LEU C 21 9.58 22.09 2.46
N ARG C 22 10.01 23.29 2.10
CA ARG C 22 9.06 24.40 1.98
C ARG C 22 8.19 24.30 0.73
N LYS C 23 8.79 24.02 -0.41
CA LYS C 23 8.03 23.94 -1.65
C LYS C 23 7.16 22.69 -1.79
N GLY C 24 7.29 21.77 -0.84
CA GLY C 24 6.50 20.55 -0.92
C GLY C 24 5.22 20.66 -0.11
N ASN C 25 4.99 21.82 0.51
CA ASN C 25 3.80 22.06 1.33
C ASN C 25 3.55 20.96 2.34
N TYR C 26 4.48 20.77 3.27
CA TYR C 26 4.30 19.74 4.27
C TYR C 26 3.65 20.32 5.53
N ALA C 27 3.84 21.61 5.74
CA ALA C 27 3.27 22.32 6.89
C ALA C 27 3.49 23.80 6.62
N GLU C 28 2.82 24.65 7.39
CA GLU C 28 2.97 26.09 7.16
C GLU C 28 4.39 26.53 7.46
N ARG C 29 5.02 25.92 8.46
CA ARG C 29 6.36 26.31 8.84
C ARG C 29 7.34 25.14 8.95
N VAL C 30 8.60 25.43 8.68
CA VAL C 30 9.66 24.45 8.77
C VAL C 30 10.75 24.99 9.68
N GLY C 31 10.95 24.33 10.81
CA GLY C 31 11.96 24.77 11.74
C GLY C 31 13.35 24.50 11.20
N ALA C 32 14.28 25.40 11.47
CA ALA C 32 15.68 25.28 11.03
C ALA C 32 16.34 23.97 11.43
N GLY C 33 15.77 23.26 12.41
CA GLY C 33 16.35 22.00 12.83
C GLY C 33 15.88 20.82 11.99
N ALA C 34 14.76 20.97 11.31
CA ALA C 34 14.19 19.90 10.49
C ALA C 34 15.10 19.48 9.34
N PRO C 35 15.54 20.44 8.51
CA PRO C 35 16.43 20.06 7.39
C PRO C 35 17.77 19.49 7.83
N VAL C 36 18.29 19.95 8.97
CA VAL C 36 19.57 19.48 9.46
C VAL C 36 19.42 18.00 9.77
N TYR C 37 18.41 17.67 10.57
CA TYR C 37 18.15 16.29 10.96
C TYR C 37 17.88 15.42 9.75
N LEU C 38 16.95 15.86 8.90
CA LEU C 38 16.58 15.11 7.69
C LEU C 38 17.76 14.90 6.74
N ALA C 39 18.60 15.92 6.56
CA ALA C 39 19.76 15.77 5.69
C ALA C 39 20.73 14.72 6.26
N ALA C 40 20.81 14.63 7.58
CA ALA C 40 21.69 13.65 8.21
C ALA C 40 21.17 12.24 7.94
N VAL C 41 19.86 12.07 8.03
CA VAL C 41 19.26 10.76 7.81
C VAL C 41 19.46 10.28 6.38
N LEU C 42 19.27 11.18 5.41
CA LEU C 42 19.45 10.86 4.00
C LEU C 42 20.89 10.44 3.73
N GLU C 43 21.83 11.16 4.34
CA GLU C 43 23.26 10.88 4.16
C GLU C 43 23.65 9.52 4.72
N TYR C 44 23.16 9.23 5.92
CA TYR C 44 23.45 7.97 6.59
C TYR C 44 22.91 6.84 5.74
N LEU C 45 21.64 6.95 5.34
CA LEU C 45 21.04 5.88 4.52
C LEU C 45 21.84 5.72 3.24
N THR C 46 22.20 6.84 2.61
CA THR C 46 22.99 6.80 1.39
C THR C 46 24.33 6.09 1.68
N ALA C 47 24.92 6.38 2.83
CA ALA C 47 26.19 5.76 3.21
C ALA C 47 26.03 4.25 3.38
N GLU C 48 24.97 3.86 4.07
CA GLU C 48 24.69 2.45 4.32
C GLU C 48 24.54 1.62 3.04
N ILE C 49 23.73 2.09 2.09
CA ILE C 49 23.53 1.36 0.85
C ILE C 49 24.80 1.36 -0.01
N LEU C 50 25.59 2.46 0.04
CA LEU C 50 26.82 2.52 -0.74
C LEU C 50 27.87 1.59 -0.15
N GLU C 51 27.85 1.46 1.18
CA GLU C 51 28.77 0.56 1.84
C GLU C 51 28.53 -0.84 1.26
N LEU C 52 27.34 -1.37 1.50
CA LEU C 52 26.94 -2.70 1.03
C LEU C 52 27.05 -2.92 -0.48
N ALA C 53 26.61 -1.95 -1.28
CA ALA C 53 26.69 -2.08 -2.73
C ALA C 53 28.16 -2.16 -3.15
N GLY C 54 28.99 -1.33 -2.53
CA GLY C 54 30.42 -1.34 -2.82
C GLY C 54 31.06 -2.69 -2.53
N ASN C 55 30.54 -3.38 -1.52
CA ASN C 55 31.05 -4.70 -1.14
C ASN C 55 30.59 -5.75 -2.15
N ALA C 56 29.35 -5.62 -2.59
CA ALA C 56 28.80 -6.55 -3.56
C ALA C 56 29.61 -6.37 -4.84
N ALA C 57 30.03 -5.14 -5.10
CA ALA C 57 30.80 -4.86 -6.29
C ALA C 57 32.21 -5.46 -6.17
N ARG C 58 32.67 -5.69 -4.96
CA ARG C 58 33.99 -6.26 -4.79
C ARG C 58 33.91 -7.77 -4.97
N ASP C 59 32.85 -8.38 -4.43
CA ASP C 59 32.65 -9.82 -4.53
C ASP C 59 32.47 -10.31 -5.95
N ASN C 60 32.18 -9.39 -6.87
CA ASN C 60 31.97 -9.76 -8.25
C ASN C 60 33.14 -9.26 -9.09
N LYS C 61 34.22 -8.91 -8.38
CA LYS C 61 35.44 -8.43 -8.99
C LYS C 61 35.24 -7.18 -9.83
N LYS C 62 34.38 -6.28 -9.36
CA LYS C 62 34.09 -5.04 -10.07
C LYS C 62 34.51 -3.81 -9.28
N THR C 63 34.91 -2.78 -10.02
CA THR C 63 35.36 -1.51 -9.47
C THR C 63 34.23 -0.47 -9.46
N ARG C 64 33.26 -0.68 -10.33
CA ARG C 64 32.15 0.25 -10.47
C ARG C 64 30.81 -0.30 -10.03
N ILE C 65 30.17 0.35 -9.08
CA ILE C 65 28.84 -0.04 -8.60
C ILE C 65 27.79 0.17 -9.71
N ILE C 66 27.12 -0.91 -10.15
CA ILE C 66 26.08 -0.79 -11.17
C ILE C 66 24.75 -1.13 -10.49
N PRO C 67 23.62 -1.03 -11.20
CA PRO C 67 22.34 -1.36 -10.54
C PRO C 67 22.26 -2.74 -9.92
N ARG C 68 22.82 -3.75 -10.56
CA ARG C 68 22.78 -5.09 -9.96
C ARG C 68 23.37 -5.08 -8.54
N HIS C 69 24.40 -4.27 -8.33
CA HIS C 69 25.05 -4.21 -7.03
C HIS C 69 24.14 -3.57 -5.98
N LEU C 70 23.37 -2.57 -6.39
CA LEU C 70 22.47 -1.94 -5.46
C LEU C 70 21.41 -2.98 -5.08
N GLN C 71 20.88 -3.70 -6.08
CA GLN C 71 19.87 -4.72 -5.82
C GLN C 71 20.41 -5.82 -4.88
N LEU C 72 21.60 -6.33 -5.16
CA LEU C 72 22.18 -7.36 -4.32
C LEU C 72 22.31 -6.90 -2.86
N ALA C 73 22.79 -5.67 -2.68
CA ALA C 73 22.98 -5.08 -1.36
C ALA C 73 21.67 -4.82 -0.59
N VAL C 74 20.59 -4.53 -1.30
CA VAL C 74 19.32 -4.31 -0.66
C VAL C 74 18.63 -5.66 -0.33
N ARG C 75 18.64 -6.59 -1.28
CA ARG C 75 18.04 -7.90 -1.07
C ARG C 75 18.70 -8.68 0.05
N ASN C 76 20.03 -8.63 0.08
CA ASN C 76 20.77 -9.39 1.08
C ASN C 76 20.78 -8.80 2.47
N ASP C 77 20.17 -7.63 2.63
CA ASP C 77 20.08 -6.92 3.91
C ASP C 77 18.62 -6.85 4.35
N GLU C 78 18.29 -7.58 5.40
CA GLU C 78 16.93 -7.63 5.91
C GLU C 78 16.24 -6.29 5.99
N GLU C 79 16.87 -5.33 6.65
CA GLU C 79 16.27 -4.01 6.83
C GLU C 79 16.15 -3.11 5.62
N LEU C 80 17.15 -3.08 4.76
CA LEU C 80 17.06 -2.27 3.54
C LEU C 80 16.03 -2.95 2.64
N ASN C 81 15.88 -4.26 2.79
CA ASN C 81 14.90 -5.00 2.02
C ASN C 81 13.50 -4.67 2.53
N LYS C 82 13.35 -4.46 3.83
CA LYS C 82 12.05 -4.11 4.37
C LYS C 82 11.69 -2.69 3.93
N LEU C 83 12.62 -1.74 4.10
CA LEU C 83 12.41 -0.35 3.73
C LEU C 83 12.10 -0.15 2.24
N LEU C 84 12.64 -1.03 1.39
CA LEU C 84 12.40 -0.96 -0.03
C LEU C 84 11.61 -2.16 -0.52
N GLY C 85 10.76 -2.69 0.35
CA GLY C 85 9.96 -3.86 0.00
C GLY C 85 8.98 -3.70 -1.15
N ARG C 86 8.59 -2.47 -1.44
CA ARG C 86 7.66 -2.17 -2.52
C ARG C 86 8.38 -1.30 -3.53
N VAL C 87 9.66 -1.57 -3.75
CA VAL C 87 10.43 -0.76 -4.70
C VAL C 87 11.09 -1.63 -5.75
N THR C 88 11.18 -1.13 -6.95
CA THR C 88 11.81 -1.89 -8.02
C THR C 88 13.02 -1.10 -8.49
N ILE C 89 14.18 -1.74 -8.42
CA ILE C 89 15.43 -1.12 -8.89
C ILE C 89 15.61 -1.65 -10.33
N ALA C 90 15.54 -0.75 -11.31
CA ALA C 90 15.69 -1.15 -12.70
C ALA C 90 17.04 -1.80 -12.89
N GLN C 91 17.09 -2.79 -13.79
CA GLN C 91 18.29 -3.56 -14.08
C GLN C 91 18.94 -4.17 -12.84
N GLY C 92 18.11 -4.57 -11.88
CA GLY C 92 18.64 -5.17 -10.68
C GLY C 92 18.62 -6.70 -10.66
N GLY C 93 17.69 -7.29 -11.42
CA GLY C 93 17.55 -8.74 -11.45
C GLY C 93 17.08 -9.18 -10.07
N VAL C 94 17.30 -10.45 -9.76
CA VAL C 94 16.89 -11.00 -8.45
C VAL C 94 18.03 -11.75 -7.77
N LEU C 95 17.80 -12.25 -6.57
CA LEU C 95 18.84 -13.02 -5.87
C LEU C 95 18.88 -14.48 -6.33
N PRO C 96 20.06 -15.03 -6.63
CA PRO C 96 20.07 -16.43 -7.04
C PRO C 96 19.35 -17.22 -5.95
N ASN C 97 18.33 -17.98 -6.32
CA ASN C 97 17.58 -18.72 -5.34
C ASN C 97 16.71 -19.78 -5.99
N ILE C 98 16.97 -21.04 -5.65
CA ILE C 98 16.27 -22.20 -6.19
C ILE C 98 15.69 -23.06 -5.07
N GLN C 99 14.37 -23.22 -5.05
CA GLN C 99 13.71 -24.03 -4.04
C GLN C 99 14.31 -25.44 -4.01
N SER C 100 14.60 -25.92 -2.80
CA SER C 100 15.20 -27.24 -2.60
C SER C 100 14.62 -28.38 -3.42
N VAL C 101 13.32 -28.58 -3.30
CA VAL C 101 12.63 -29.66 -4.00
C VAL C 101 12.87 -29.73 -5.50
N LEU C 102 13.38 -28.64 -6.07
CA LEU C 102 13.66 -28.58 -7.50
C LEU C 102 15.03 -29.19 -7.84
N LEU C 103 15.86 -29.42 -6.82
CA LEU C 103 17.17 -29.99 -7.04
C LEU C 103 17.06 -31.47 -7.36
N PRO C 104 18.00 -32.00 -8.16
CA PRO C 104 18.02 -33.41 -8.57
C PRO C 104 18.40 -34.40 -7.45
N LYS C 105 18.21 -35.70 -7.74
CA LYS C 105 18.50 -36.82 -6.85
C LYS C 105 18.18 -36.59 -5.37
N LYS C 106 18.71 -37.47 -4.50
CA LYS C 106 18.46 -37.36 -3.06
C LYS C 106 19.71 -37.41 -2.19
N THR C 107 19.48 -37.37 -0.87
CA THR C 107 20.54 -37.40 0.14
C THR C 107 21.16 -36.02 0.36
N THR D 1 17.47 24.26 -18.69
CA THR D 1 17.31 24.99 -17.37
C THR D 1 17.42 23.92 -16.28
N ARG D 2 18.14 24.30 -15.20
CA ARG D 2 18.42 23.49 -14.01
C ARG D 2 17.61 22.25 -13.66
N LYS D 3 18.33 21.16 -13.40
CA LYS D 3 17.74 19.90 -13.00
C LYS D 3 18.60 19.40 -11.83
N GLU D 4 18.11 19.57 -10.61
CA GLU D 4 18.86 19.15 -9.43
C GLU D 4 18.83 17.65 -9.16
N SER D 5 19.89 17.17 -8.48
CA SER D 5 20.02 15.77 -8.11
C SER D 5 21.06 15.71 -7.02
N TYR D 6 21.06 14.62 -6.27
CA TYR D 6 22.02 14.44 -5.20
C TYR D 6 23.35 13.86 -5.64
N ALA D 7 23.57 13.76 -6.95
CA ALA D 7 24.79 13.17 -7.51
C ALA D 7 26.11 13.57 -6.87
N ILE D 8 26.39 14.87 -6.77
CA ILE D 8 27.64 15.31 -6.18
C ILE D 8 27.74 14.91 -4.71
N TYR D 9 26.60 14.82 -4.01
CA TYR D 9 26.65 14.42 -2.61
C TYR D 9 26.72 12.90 -2.48
N VAL D 10 26.05 12.17 -3.38
CA VAL D 10 26.09 10.72 -3.30
C VAL D 10 27.54 10.36 -3.49
N TYR D 11 28.15 10.96 -4.50
CA TYR D 11 29.54 10.72 -4.85
C TYR D 11 30.51 11.00 -3.68
N LYS D 12 30.35 12.12 -3.00
CA LYS D 12 31.23 12.43 -1.86
C LYS D 12 31.16 11.32 -0.80
N VAL D 13 29.93 10.92 -0.46
CA VAL D 13 29.74 9.86 0.54
C VAL D 13 30.32 8.55 0.02
N LEU D 14 30.23 8.33 -1.29
CA LEU D 14 30.79 7.11 -1.88
C LEU D 14 32.30 7.03 -1.66
N LYS D 15 32.99 8.15 -1.84
CA LYS D 15 34.43 8.15 -1.67
C LYS D 15 34.85 8.05 -0.21
N GLN D 16 33.91 8.28 0.70
CA GLN D 16 34.22 8.17 2.11
C GLN D 16 34.19 6.69 2.48
N VAL D 17 33.13 6.00 2.06
CA VAL D 17 32.95 4.59 2.37
C VAL D 17 33.78 3.66 1.47
N HIS D 18 34.00 4.06 0.23
CA HIS D 18 34.77 3.24 -0.69
C HIS D 18 35.60 4.12 -1.63
N PRO D 19 36.73 4.62 -1.13
CA PRO D 19 37.69 5.50 -1.82
C PRO D 19 38.03 5.15 -3.27
N ASP D 20 38.17 3.87 -3.58
CA ASP D 20 38.54 3.51 -4.94
C ASP D 20 37.39 2.92 -5.77
N THR D 21 36.15 3.19 -5.37
CA THR D 21 35.00 2.67 -6.10
C THR D 21 34.18 3.73 -6.84
N GLY D 22 33.85 3.44 -8.09
CA GLY D 22 33.04 4.39 -8.84
C GLY D 22 31.57 3.97 -8.83
N ILE D 23 30.77 4.67 -9.64
CA ILE D 23 29.35 4.40 -9.74
C ILE D 23 28.91 4.80 -11.15
N SER D 24 28.22 3.91 -11.84
CA SER D 24 27.75 4.17 -13.20
C SER D 24 26.60 5.15 -13.12
N SER D 25 26.36 5.90 -14.19
CA SER D 25 25.27 6.87 -14.18
C SER D 25 23.93 6.21 -13.92
N LYS D 26 23.75 5.00 -14.43
CA LYS D 26 22.50 4.30 -14.20
C LYS D 26 22.30 3.99 -12.72
N ALA D 27 23.39 3.67 -12.02
CA ALA D 27 23.30 3.36 -10.60
C ALA D 27 23.07 4.63 -9.83
N MET D 28 23.65 5.72 -10.32
CA MET D 28 23.52 7.02 -9.68
C MET D 28 22.08 7.48 -9.81
N SER D 29 21.45 7.15 -10.93
CA SER D 29 20.06 7.52 -11.15
C SER D 29 19.23 6.84 -10.08
N ILE D 30 19.46 5.55 -9.86
CA ILE D 30 18.77 4.81 -8.82
C ILE D 30 19.00 5.43 -7.43
N MET D 31 20.26 5.81 -7.13
CA MET D 31 20.56 6.40 -5.82
C MET D 31 19.79 7.68 -5.67
N ASN D 32 19.66 8.40 -6.78
CA ASN D 32 18.94 9.64 -6.74
C ASN D 32 17.45 9.44 -6.49
N SER D 33 16.89 8.36 -7.03
CA SER D 33 15.48 8.07 -6.84
C SER D 33 15.27 7.66 -5.37
N PHE D 34 16.26 6.94 -4.84
CA PHE D 34 16.21 6.46 -3.47
C PHE D 34 16.18 7.64 -2.50
N VAL D 35 17.13 8.56 -2.65
CA VAL D 35 17.16 9.72 -1.76
C VAL D 35 15.85 10.50 -1.83
N ASN D 36 15.32 10.70 -3.04
CA ASN D 36 14.06 11.43 -3.21
C ASN D 36 12.87 10.71 -2.55
N ASP D 37 12.80 9.41 -2.78
CA ASP D 37 11.77 8.58 -2.23
C ASP D 37 11.77 8.66 -0.70
N VAL D 38 12.90 8.35 -0.07
CA VAL D 38 12.98 8.40 1.38
C VAL D 38 12.67 9.80 1.92
N PHE D 39 13.16 10.83 1.22
CA PHE D 39 12.89 12.21 1.62
C PHE D 39 11.38 12.42 1.67
N GLU D 40 10.68 12.02 0.61
CA GLU D 40 9.24 12.22 0.55
C GLU D 40 8.48 11.43 1.60
N ARG D 41 8.89 10.19 1.82
CA ARG D 41 8.20 9.39 2.80
C ARG D 41 8.41 9.96 4.18
N ILE D 42 9.63 10.40 4.49
CA ILE D 42 9.91 10.98 5.79
C ILE D 42 9.17 12.29 5.99
N ALA D 43 9.19 13.17 4.99
CA ALA D 43 8.49 14.44 5.12
C ALA D 43 6.97 14.21 5.16
N GLY D 44 6.50 13.15 4.50
CA GLY D 44 5.08 12.85 4.52
C GLY D 44 4.64 12.47 5.94
N GLU D 45 5.38 11.54 6.56
CA GLU D 45 5.05 11.12 7.92
C GLU D 45 5.03 12.33 8.85
N ALA D 46 6.06 13.18 8.74
CA ALA D 46 6.18 14.37 9.57
C ALA D 46 5.00 15.28 9.37
N SER D 47 4.69 15.51 8.10
CA SER D 47 3.57 16.36 7.72
C SER D 47 2.29 15.95 8.45
N ARG D 48 1.93 14.67 8.34
CA ARG D 48 0.74 14.12 8.98
C ARG D 48 0.86 14.15 10.47
N LEU D 49 2.03 13.80 10.97
CA LEU D 49 2.26 13.81 12.41
C LEU D 49 1.95 15.23 12.93
N ALA D 50 2.47 16.24 12.25
CA ALA D 50 2.21 17.63 12.62
C ALA D 50 0.72 17.96 12.63
N HIS D 51 0.01 17.54 11.59
CA HIS D 51 -1.43 17.82 11.53
C HIS D 51 -2.20 17.09 12.60
N TYR D 52 -1.89 15.83 12.84
CA TYR D 52 -2.59 15.07 13.86
C TYR D 52 -2.49 15.77 15.20
N ASN D 53 -1.49 16.63 15.36
CA ASN D 53 -1.27 17.34 16.62
C ASN D 53 -1.54 18.84 16.54
N LYS D 54 -2.28 19.26 15.52
CA LYS D 54 -2.61 20.66 15.36
C LYS D 54 -1.38 21.53 15.49
N ARG D 55 -0.30 21.10 14.84
CA ARG D 55 0.96 21.83 14.84
C ARG D 55 1.13 22.36 13.43
N SER D 56 1.53 23.62 13.29
CA SER D 56 1.70 24.17 11.97
C SER D 56 3.19 24.21 11.61
N THR D 57 4.02 23.64 12.49
CA THR D 57 5.45 23.63 12.26
C THR D 57 6.05 22.22 12.31
N ILE D 58 6.91 21.91 11.35
CA ILE D 58 7.60 20.62 11.34
C ILE D 58 9.02 20.87 11.85
N THR D 59 9.28 20.50 13.09
CA THR D 59 10.63 20.70 13.64
C THR D 59 11.40 19.38 13.54
N SER D 60 12.66 19.40 13.99
CA SER D 60 13.48 18.21 13.96
C SER D 60 12.79 17.10 14.73
N ARG D 61 11.92 17.48 15.67
CA ARG D 61 11.21 16.48 16.45
C ARG D 61 10.25 15.63 15.58
N GLU D 62 9.44 16.27 14.73
CA GLU D 62 8.53 15.50 13.87
C GLU D 62 9.39 14.62 12.97
N ILE D 63 10.49 15.18 12.46
CA ILE D 63 11.37 14.43 11.58
C ILE D 63 11.86 13.19 12.30
N GLN D 64 12.17 13.33 13.59
CA GLN D 64 12.67 12.19 14.34
C GLN D 64 11.59 11.13 14.46
N THR D 65 10.39 11.53 14.85
CA THR D 65 9.31 10.56 15.00
C THR D 65 9.00 9.87 13.69
N ALA D 66 9.05 10.61 12.58
CA ALA D 66 8.76 10.04 11.27
C ALA D 66 9.76 8.92 10.98
N VAL D 67 11.01 9.20 11.27
CA VAL D 67 12.09 8.23 11.08
C VAL D 67 11.85 6.97 11.89
N ARG D 68 11.35 7.12 13.11
CA ARG D 68 11.09 5.95 13.95
C ARG D 68 9.93 5.17 13.34
N LEU D 69 8.94 5.91 12.83
CA LEU D 69 7.78 5.30 12.21
C LEU D 69 8.13 4.60 10.89
N LEU D 70 8.97 5.21 10.08
CA LEU D 70 9.33 4.67 8.77
C LEU D 70 10.45 3.61 8.63
N LEU D 71 11.50 3.67 9.44
CA LEU D 71 12.60 2.72 9.29
C LEU D 71 12.58 1.52 10.23
N PRO D 72 13.12 0.39 9.78
CA PRO D 72 13.19 -0.85 10.57
C PRO D 72 14.14 -0.66 11.74
N GLY D 73 13.82 -1.31 12.85
CA GLY D 73 14.62 -1.22 14.05
C GLY D 73 16.01 -0.63 14.00
N GLU D 74 16.98 -1.37 13.50
CA GLU D 74 18.36 -0.90 13.46
C GLU D 74 18.71 0.30 12.56
N LEU D 75 18.03 0.50 11.45
CA LEU D 75 18.35 1.67 10.64
C LEU D 75 17.83 2.91 11.36
N ALA D 76 16.72 2.75 12.09
CA ALA D 76 16.15 3.88 12.83
C ALA D 76 17.10 4.32 13.95
N LYS D 77 17.48 3.37 14.80
CA LYS D 77 18.38 3.68 15.92
C LYS D 77 19.59 4.47 15.45
N HIS D 78 20.19 4.09 14.34
CA HIS D 78 21.35 4.82 13.88
C HIS D 78 20.98 6.15 13.22
N ALA D 79 19.92 6.15 12.40
CA ALA D 79 19.50 7.38 11.74
C ALA D 79 19.24 8.48 12.79
N VAL D 80 18.51 8.11 13.85
CA VAL D 80 18.19 9.01 14.95
C VAL D 80 19.47 9.57 15.57
N SER D 81 20.48 8.73 15.78
CA SER D 81 21.72 9.23 16.36
C SER D 81 22.32 10.28 15.44
N GLU D 82 22.66 9.89 14.21
CA GLU D 82 23.24 10.83 13.26
C GLU D 82 22.47 12.17 13.21
N GLY D 83 21.15 12.09 13.15
CA GLY D 83 20.34 13.29 13.11
C GLY D 83 20.45 14.11 14.38
N THR D 84 20.19 13.49 15.52
CA THR D 84 20.31 14.20 16.79
C THR D 84 21.67 14.85 16.84
N LYS D 85 22.69 14.07 16.52
CA LYS D 85 24.06 14.55 16.51
C LYS D 85 24.24 15.75 15.59
N ALA D 86 23.76 15.67 14.35
CA ALA D 86 23.92 16.79 13.43
C ALA D 86 23.20 18.03 13.92
N VAL D 87 22.09 17.83 14.64
CA VAL D 87 21.32 18.95 15.16
C VAL D 87 21.98 19.54 16.39
N THR D 88 22.56 18.70 17.22
CA THR D 88 23.27 19.20 18.39
C THR D 88 24.46 20.03 17.89
N LYS D 89 25.28 19.44 17.04
CA LYS D 89 26.43 20.14 16.50
C LYS D 89 25.98 21.48 15.91
N TYR D 90 25.04 21.42 14.97
CA TYR D 90 24.53 22.62 14.33
C TYR D 90 24.08 23.71 15.30
N THR D 91 23.45 23.30 16.38
CA THR D 91 22.93 24.20 17.41
C THR D 91 24.02 25.01 18.14
N SER D 92 25.16 24.37 18.36
CA SER D 92 26.27 24.99 19.07
C SER D 92 27.23 25.74 18.16
N ALA D 93 26.83 25.94 16.91
CA ALA D 93 27.66 26.62 15.93
C ALA D 93 26.99 27.84 15.29
N LYS D 94 27.27 29.02 15.85
CA LYS D 94 26.73 30.28 15.36
C LYS D 94 27.00 31.34 16.42
N PRO E 1 24.10 -40.33 -29.22
CA PRO E 1 24.03 -38.86 -29.03
C PRO E 1 23.80 -38.50 -27.57
N HIS E 2 24.49 -37.47 -27.10
CA HIS E 2 24.36 -37.03 -25.72
C HIS E 2 23.05 -36.26 -25.54
N ARG E 3 22.37 -36.53 -24.44
CA ARG E 3 21.10 -35.89 -24.16
C ARG E 3 20.97 -35.68 -22.65
N TYR E 4 20.85 -34.42 -22.24
CA TYR E 4 20.68 -34.11 -20.82
C TYR E 4 19.29 -34.56 -20.43
N ARG E 5 19.14 -35.06 -19.22
CA ARG E 5 17.83 -35.53 -18.78
C ARG E 5 16.87 -34.34 -18.57
N PRO E 6 15.56 -34.59 -18.66
CA PRO E 6 14.64 -33.47 -18.47
C PRO E 6 14.81 -32.83 -17.10
N GLY E 7 14.91 -31.50 -17.09
CA GLY E 7 15.06 -30.80 -15.83
C GLY E 7 16.45 -30.23 -15.60
N THR E 8 17.44 -30.79 -16.26
CA THR E 8 18.82 -30.34 -16.11
C THR E 8 19.03 -28.99 -16.78
N VAL E 9 18.51 -28.86 -17.99
CA VAL E 9 18.65 -27.63 -18.75
C VAL E 9 17.80 -26.55 -18.09
N ALA E 10 16.61 -26.92 -17.63
CA ALA E 10 15.75 -25.96 -16.94
C ALA E 10 16.51 -25.35 -15.75
N LEU E 11 17.23 -26.18 -15.00
CA LEU E 11 18.01 -25.68 -13.85
C LEU E 11 19.20 -24.85 -14.29
N ARG E 12 19.84 -25.28 -15.38
CA ARG E 12 20.97 -24.56 -15.92
C ARG E 12 20.45 -23.15 -16.24
N GLU E 13 19.26 -23.09 -16.84
CA GLU E 13 18.63 -21.83 -17.24
C GLU E 13 18.25 -20.92 -16.08
N ILE E 14 17.75 -21.49 -14.98
CA ILE E 14 17.41 -20.70 -13.80
C ILE E 14 18.66 -20.01 -13.25
N ARG E 15 19.73 -20.77 -13.07
CA ARG E 15 20.97 -20.20 -12.56
C ARG E 15 21.43 -19.11 -13.51
N ARG E 16 21.25 -19.35 -14.79
CA ARG E 16 21.67 -18.40 -15.79
C ARG E 16 20.87 -17.10 -15.70
N TYR E 17 19.55 -17.21 -15.76
CA TYR E 17 18.75 -16.00 -15.71
C TYR E 17 18.71 -15.33 -14.33
N GLN E 18 18.98 -16.07 -13.27
CA GLN E 18 18.99 -15.42 -11.95
C GLN E 18 20.31 -14.68 -11.76
N LYS E 19 21.29 -15.01 -12.59
CA LYS E 19 22.60 -14.38 -12.52
C LYS E 19 22.68 -13.09 -13.34
N SER E 20 21.80 -12.93 -14.33
CA SER E 20 21.82 -11.74 -15.16
C SER E 20 20.67 -10.75 -14.86
N THR E 21 20.74 -9.56 -15.46
CA THR E 21 19.70 -8.55 -15.26
C THR E 21 19.08 -8.01 -16.55
N GLU E 22 19.53 -8.50 -17.71
CA GLU E 22 19.00 -7.98 -18.97
C GLU E 22 17.52 -8.28 -19.11
N LEU E 23 16.81 -7.46 -19.87
CA LEU E 23 15.38 -7.71 -20.08
C LEU E 23 15.19 -9.01 -20.86
N LEU E 24 14.11 -9.72 -20.55
CA LEU E 24 13.84 -11.02 -21.15
C LEU E 24 12.82 -11.04 -22.28
N ILE E 25 12.03 -9.97 -22.40
CA ILE E 25 11.04 -9.90 -23.45
C ILE E 25 11.69 -9.09 -24.56
N ARG E 26 11.45 -9.46 -25.82
CA ARG E 26 12.02 -8.74 -26.96
C ARG E 26 11.54 -7.28 -26.94
N LYS E 27 12.45 -6.36 -27.22
CA LYS E 27 12.14 -4.93 -27.19
C LYS E 27 10.97 -4.48 -28.03
N LEU E 28 11.10 -4.54 -29.35
CA LEU E 28 10.07 -4.10 -30.28
C LEU E 28 8.71 -4.77 -30.04
N PRO E 29 8.67 -6.10 -29.85
CA PRO E 29 7.36 -6.72 -29.61
C PRO E 29 6.68 -6.06 -28.41
N PHE E 30 7.43 -5.88 -27.31
CA PHE E 30 6.89 -5.23 -26.12
C PHE E 30 6.43 -3.81 -26.43
N GLN E 31 7.18 -3.09 -27.26
CA GLN E 31 6.77 -1.74 -27.59
C GLN E 31 5.44 -1.68 -28.37
N ARG E 32 5.19 -2.63 -29.28
CA ARG E 32 3.93 -2.62 -30.04
C ARG E 32 2.77 -2.92 -29.10
N LEU E 33 3.00 -3.78 -28.13
CA LEU E 33 1.96 -4.13 -27.17
C LEU E 33 1.57 -2.88 -26.36
N VAL E 34 2.57 -2.12 -25.91
CA VAL E 34 2.28 -0.91 -25.14
C VAL E 34 1.51 0.10 -26.00
N ARG E 35 1.95 0.33 -27.23
CA ARG E 35 1.28 1.26 -28.13
C ARG E 35 -0.15 0.82 -28.52
N GLU E 36 -0.39 -0.49 -28.54
CA GLU E 36 -1.69 -1.01 -28.87
C GLU E 36 -2.64 -0.74 -27.71
N ILE E 37 -2.24 -1.14 -26.51
CA ILE E 37 -3.06 -0.94 -25.32
C ILE E 37 -3.34 0.54 -25.05
N ALA E 38 -2.33 1.39 -25.18
CA ALA E 38 -2.49 2.81 -24.93
C ALA E 38 -3.44 3.42 -25.94
N GLN E 39 -3.24 3.08 -27.21
CA GLN E 39 -4.08 3.58 -28.29
C GLN E 39 -5.54 3.25 -28.05
N ASP E 40 -5.81 2.06 -27.54
CA ASP E 40 -7.18 1.70 -27.27
C ASP E 40 -7.74 2.61 -26.16
N PHE E 41 -6.89 3.43 -25.54
CA PHE E 41 -7.36 4.35 -24.49
C PHE E 41 -7.38 5.80 -24.97
N LYS E 42 -6.38 6.18 -25.75
CA LYS E 42 -6.31 7.54 -26.24
C LYS E 42 -5.53 7.53 -27.55
N THR E 43 -6.18 7.96 -28.63
CA THR E 43 -5.53 7.99 -29.93
C THR E 43 -4.52 9.11 -30.02
N ASP E 44 -3.62 9.00 -30.98
CA ASP E 44 -2.60 10.02 -31.22
C ASP E 44 -1.55 10.23 -30.12
N LEU E 45 -1.19 9.18 -29.40
CA LEU E 45 -0.19 9.35 -28.35
C LEU E 45 1.22 9.07 -28.85
N ARG E 46 2.18 9.72 -28.21
CA ARG E 46 3.58 9.53 -28.52
C ARG E 46 4.19 9.00 -27.20
N PHE E 47 5.34 8.33 -27.26
CA PHE E 47 5.99 7.80 -26.05
C PHE E 47 7.49 8.11 -26.02
N GLN E 48 8.00 8.64 -24.91
CA GLN E 48 9.44 8.86 -24.83
C GLN E 48 9.99 7.43 -24.76
N SER E 49 11.11 7.17 -25.40
CA SER E 49 11.62 5.82 -25.35
C SER E 49 11.77 5.35 -23.88
N SER E 50 12.29 6.20 -23.02
CA SER E 50 12.46 5.83 -21.62
C SER E 50 11.13 5.50 -20.97
N ALA E 51 10.02 6.01 -21.53
CA ALA E 51 8.72 5.70 -20.98
C ALA E 51 8.42 4.24 -21.32
N VAL E 52 8.78 3.82 -22.52
CA VAL E 52 8.52 2.42 -22.87
C VAL E 52 9.40 1.49 -22.02
N MET E 53 10.67 1.85 -21.89
CA MET E 53 11.62 1.06 -21.08
C MET E 53 11.18 1.03 -19.61
N ALA E 54 10.62 2.12 -19.10
CA ALA E 54 10.17 2.12 -17.73
C ALA E 54 9.08 1.05 -17.55
N LEU E 55 8.13 1.00 -18.47
CA LEU E 55 7.05 0.02 -18.39
C LEU E 55 7.58 -1.40 -18.54
N GLN E 56 8.61 -1.59 -19.36
CA GLN E 56 9.14 -2.95 -19.53
C GLN E 56 9.92 -3.41 -18.30
N GLU E 57 10.52 -2.48 -17.56
CA GLU E 57 11.25 -2.85 -16.36
C GLU E 57 10.23 -3.19 -15.26
N ALA E 58 9.12 -2.46 -15.26
CA ALA E 58 8.08 -2.68 -14.24
C ALA E 58 7.34 -3.96 -14.51
N SER E 59 7.01 -4.22 -15.77
CA SER E 59 6.25 -5.42 -16.13
C SER E 59 7.02 -6.69 -15.88
N GLU E 60 8.28 -6.72 -16.27
CA GLU E 60 9.11 -7.89 -16.03
C GLU E 60 9.40 -8.13 -14.55
N ALA E 61 9.62 -7.07 -13.77
CA ALA E 61 9.89 -7.30 -12.36
C ALA E 61 8.64 -7.79 -11.70
N TYR E 62 7.50 -7.39 -12.24
CA TYR E 62 6.22 -7.83 -11.72
C TYR E 62 5.94 -9.29 -12.08
N LEU E 63 6.29 -9.70 -13.29
CA LEU E 63 6.04 -11.07 -13.72
C LEU E 63 6.96 -12.07 -13.04
N VAL E 64 8.23 -11.69 -12.91
CA VAL E 64 9.20 -12.54 -12.24
C VAL E 64 8.71 -12.77 -10.80
N ALA E 65 8.43 -11.68 -10.09
CA ALA E 65 7.97 -11.79 -8.71
C ALA E 65 6.67 -12.58 -8.64
N LEU E 66 5.85 -12.47 -9.69
CA LEU E 66 4.61 -13.23 -9.72
C LEU E 66 4.92 -14.72 -9.90
N PHE E 67 5.87 -15.06 -10.78
CA PHE E 67 6.21 -16.48 -10.98
C PHE E 67 6.79 -17.10 -9.71
N GLU E 68 7.53 -16.32 -8.91
CA GLU E 68 8.07 -16.84 -7.66
C GLU E 68 6.91 -17.27 -6.77
N ASP E 69 5.92 -16.41 -6.60
CA ASP E 69 4.79 -16.76 -5.77
C ASP E 69 4.02 -17.96 -6.34
N THR E 70 3.95 -18.03 -7.67
CA THR E 70 3.26 -19.11 -8.36
C THR E 70 3.95 -20.45 -8.11
N ASN E 71 5.28 -20.40 -8.18
CA ASN E 71 6.11 -21.57 -7.97
C ASN E 71 5.87 -22.11 -6.57
N LEU E 72 5.70 -21.20 -5.61
CA LEU E 72 5.45 -21.61 -4.22
C LEU E 72 4.08 -22.24 -4.04
N CYS E 73 3.11 -21.82 -4.84
CA CYS E 73 1.78 -22.40 -4.73
C CYS E 73 1.79 -23.82 -5.30
N ALA E 74 2.56 -24.04 -6.37
CA ALA E 74 2.70 -25.35 -7.00
C ALA E 74 3.36 -26.29 -6.01
N ILE E 75 4.49 -25.85 -5.46
CA ILE E 75 5.23 -26.66 -4.50
C ILE E 75 4.32 -26.99 -3.33
N HIS E 76 3.44 -26.06 -2.98
CA HIS E 76 2.48 -26.27 -1.90
C HIS E 76 1.53 -27.40 -2.27
N ALA E 77 1.26 -27.53 -3.56
CA ALA E 77 0.37 -28.55 -4.07
C ALA E 77 1.15 -29.83 -4.33
N LYS E 78 2.39 -29.86 -3.88
CA LYS E 78 3.27 -31.00 -4.09
C LYS E 78 3.54 -31.27 -5.57
N ARG E 79 3.69 -30.19 -6.34
CA ARG E 79 4.01 -30.27 -7.76
C ARG E 79 5.29 -29.43 -8.01
N VAL E 80 5.89 -29.56 -9.18
CA VAL E 80 7.10 -28.82 -9.53
C VAL E 80 6.83 -28.12 -10.85
N THR E 81 5.59 -28.26 -11.29
CA THR E 81 5.07 -27.73 -12.56
C THR E 81 3.97 -26.72 -12.27
N ILE E 82 4.24 -25.43 -12.49
CA ILE E 82 3.22 -24.41 -12.24
C ILE E 82 2.07 -24.46 -13.25
N MET E 83 0.87 -24.18 -12.76
CA MET E 83 -0.32 -24.18 -13.59
C MET E 83 -1.14 -22.91 -13.35
N PRO E 84 -2.13 -22.64 -14.23
CA PRO E 84 -2.98 -21.45 -14.12
C PRO E 84 -3.58 -21.26 -12.74
N ASP E 86 -2.22 -22.04 -9.97
CA ASP E 86 -1.23 -21.52 -9.02
C ASP E 86 -1.17 -19.99 -9.17
N ILE E 87 -1.06 -19.52 -10.41
CA ILE E 87 -1.01 -18.09 -10.70
C ILE E 87 -2.23 -17.41 -10.11
N GLN E 88 -3.38 -18.05 -10.28
CA GLN E 88 -4.63 -17.55 -9.78
C GLN E 88 -4.64 -17.56 -8.25
N LEU E 89 -4.10 -18.59 -7.64
CA LEU E 89 -4.11 -18.57 -6.18
C LEU E 89 -3.23 -17.44 -5.64
N ALA E 90 -2.07 -17.22 -6.27
CA ALA E 90 -1.17 -16.16 -5.83
C ALA E 90 -1.80 -14.77 -6.04
N ARG E 91 -2.42 -14.55 -7.19
CA ARG E 91 -3.05 -13.27 -7.44
C ARG E 91 -4.23 -13.04 -6.48
N ARG E 92 -4.93 -14.11 -6.10
CA ARG E 92 -6.05 -13.93 -5.17
C ARG E 92 -5.52 -13.53 -3.78
N ILE E 93 -4.56 -14.30 -3.26
CA ILE E 93 -4.02 -13.97 -1.95
C ILE E 93 -3.38 -12.58 -1.94
N ARG E 94 -2.73 -12.21 -3.04
CA ARG E 94 -2.08 -10.90 -3.17
C ARG E 94 -3.10 -9.78 -3.16
N GLY E 95 -4.37 -10.13 -3.29
CA GLY E 95 -5.39 -9.10 -3.31
C GLY E 95 -5.54 -8.45 -4.67
N GLU E 96 -5.02 -9.09 -5.71
CA GLU E 96 -5.14 -8.53 -7.06
C GLU E 96 -6.50 -8.93 -7.63
N ARG E 97 -7.15 -9.89 -6.95
CA ARG E 97 -8.48 -10.40 -7.32
C ARG E 97 -9.08 -11.24 -6.18
N ALA E 98 -9.01 -10.72 -4.96
CA ALA E 98 -9.53 -11.39 -3.76
C ALA E 98 -10.98 -11.88 -3.82
N VAL F 1 -1.79 -0.27 -38.22
CA VAL F 1 -2.92 -0.86 -37.42
C VAL F 1 -2.37 -1.92 -36.51
N LEU F 2 -2.45 -1.65 -35.21
CA LEU F 2 -1.91 -2.59 -34.24
C LEU F 2 -2.95 -3.61 -33.84
N ARG F 3 -2.64 -4.88 -34.12
CA ARG F 3 -3.52 -6.00 -33.79
C ARG F 3 -2.73 -7.18 -33.23
N ASP F 4 -3.26 -7.77 -32.16
CA ASP F 4 -2.71 -9.00 -31.58
C ASP F 4 -1.27 -9.02 -31.10
N ASN F 5 -0.74 -7.87 -30.70
CA ASN F 5 0.62 -7.80 -30.24
C ASN F 5 0.88 -8.57 -28.94
N ILE F 6 -0.17 -8.97 -28.22
CA ILE F 6 -0.01 -9.72 -26.96
C ILE F 6 0.72 -11.02 -27.29
N GLN F 7 0.67 -11.42 -28.55
CA GLN F 7 1.34 -12.64 -28.99
C GLN F 7 2.82 -12.37 -29.23
N GLY F 8 3.22 -11.11 -29.10
CA GLY F 8 4.61 -10.74 -29.26
C GLY F 8 5.32 -11.20 -28.00
N ILE F 9 4.51 -11.49 -26.98
CA ILE F 9 5.03 -11.98 -25.72
C ILE F 9 5.06 -13.50 -25.97
N THR F 10 6.17 -13.96 -26.55
CA THR F 10 6.35 -15.35 -26.91
C THR F 10 6.57 -16.34 -25.78
N LYS F 11 6.36 -17.61 -26.11
CA LYS F 11 6.56 -18.72 -25.18
C LYS F 11 7.97 -18.69 -24.58
N PRO F 12 9.02 -18.50 -25.41
CA PRO F 12 10.39 -18.45 -24.87
C PRO F 12 10.58 -17.30 -23.90
N ALA F 13 10.03 -16.13 -24.23
CA ALA F 13 10.16 -15.00 -23.34
C ALA F 13 9.45 -15.30 -22.02
N ILE F 14 8.31 -15.97 -22.06
CA ILE F 14 7.61 -16.28 -20.82
C ILE F 14 8.36 -17.36 -20.03
N ARG F 15 9.04 -18.29 -20.73
CA ARG F 15 9.80 -19.33 -20.02
C ARG F 15 10.95 -18.65 -19.31
N ARG F 16 11.69 -17.78 -20.03
CA ARG F 16 12.83 -17.09 -19.44
C ARG F 16 12.44 -16.34 -18.17
N LEU F 17 11.31 -15.65 -18.20
CA LEU F 17 10.85 -14.88 -17.04
C LEU F 17 10.57 -15.85 -15.89
N ALA F 18 10.00 -17.00 -16.22
CA ALA F 18 9.70 -18.00 -15.21
C ALA F 18 11.01 -18.54 -14.60
N ARG F 19 12.03 -18.67 -15.44
CA ARG F 19 13.34 -19.15 -14.99
C ARG F 19 13.91 -18.17 -13.98
N ARG F 20 13.94 -16.89 -14.33
CA ARG F 20 14.44 -15.89 -13.40
C ARG F 20 13.59 -15.93 -12.13
N GLY F 21 12.33 -16.31 -12.28
CA GLY F 21 11.43 -16.38 -11.15
C GLY F 21 11.65 -17.67 -10.39
N GLY F 22 12.61 -18.47 -10.86
CA GLY F 22 12.93 -19.71 -10.18
C GLY F 22 12.11 -20.93 -10.54
N VAL F 23 11.38 -20.86 -11.66
CA VAL F 23 10.50 -21.94 -12.09
C VAL F 23 11.19 -22.97 -12.98
N LYS F 24 11.00 -24.23 -12.61
CA LYS F 24 11.57 -25.37 -13.32
C LYS F 24 10.69 -26.01 -14.40
N ARG F 25 9.40 -26.21 -14.11
CA ARG F 25 8.49 -26.83 -15.06
C ARG F 25 7.24 -25.99 -15.25
N ILE F 26 6.88 -25.79 -16.51
CA ILE F 26 5.75 -24.97 -16.89
C ILE F 26 4.66 -25.75 -17.64
N SER F 27 3.42 -25.66 -17.17
CA SER F 27 2.32 -26.33 -17.86
C SER F 27 1.98 -25.57 -19.14
N GLY F 28 1.53 -26.29 -20.15
CA GLY F 28 1.20 -25.68 -21.43
C GLY F 28 0.22 -24.53 -21.44
N LEU F 29 -0.66 -24.46 -20.45
CA LEU F 29 -1.65 -23.38 -20.41
C LEU F 29 -1.14 -22.07 -19.77
N ILE F 30 0.03 -22.14 -19.13
CA ILE F 30 0.61 -20.97 -18.47
C ILE F 30 0.88 -19.80 -19.42
N TYR F 31 1.23 -20.08 -20.67
CA TYR F 31 1.53 -19.00 -21.61
C TYR F 31 0.34 -18.09 -21.85
N GLU F 32 -0.83 -18.62 -22.19
CA GLU F 32 -1.98 -17.73 -22.39
C GLU F 32 -2.34 -17.05 -21.06
N GLU F 33 -2.23 -17.80 -19.98
CA GLU F 33 -2.55 -17.26 -18.66
C GLU F 33 -1.73 -16.00 -18.36
N THR F 34 -0.43 -16.09 -18.63
CA THR F 34 0.50 -15.01 -18.40
C THR F 34 0.23 -13.79 -19.30
N ARG F 35 -0.12 -14.04 -20.55
CA ARG F 35 -0.41 -12.93 -21.46
C ARG F 35 -1.59 -12.15 -20.92
N GLY F 36 -2.59 -12.88 -20.43
CA GLY F 36 -3.78 -12.24 -19.90
C GLY F 36 -3.43 -11.39 -18.70
N VAL F 37 -2.59 -11.93 -17.81
CA VAL F 37 -2.14 -11.25 -16.60
C VAL F 37 -1.30 -10.03 -16.91
N LEU F 38 -0.42 -10.15 -17.89
CA LEU F 38 0.40 -9.01 -18.28
C LEU F 38 -0.48 -7.88 -18.85
N LYS F 39 -1.40 -8.22 -19.74
CA LYS F 39 -2.28 -7.23 -20.35
C LYS F 39 -3.05 -6.44 -19.31
N VAL F 40 -3.58 -7.10 -18.29
CA VAL F 40 -4.29 -6.38 -17.25
C VAL F 40 -3.35 -5.47 -16.48
N PHE F 41 -2.13 -5.92 -16.24
CA PHE F 41 -1.16 -5.11 -15.54
C PHE F 41 -0.82 -3.89 -16.37
N LEU F 42 -0.59 -4.06 -17.66
CA LEU F 42 -0.29 -2.91 -18.49
C LEU F 42 -1.50 -1.98 -18.67
N GLU F 43 -2.71 -2.52 -18.74
CA GLU F 43 -3.86 -1.64 -18.94
C GLU F 43 -3.98 -0.69 -17.76
N ASN F 44 -3.80 -1.21 -16.55
CA ASN F 44 -3.91 -0.39 -15.36
C ASN F 44 -2.82 0.66 -15.25
N VAL F 45 -1.59 0.31 -15.60
CA VAL F 45 -0.51 1.27 -15.49
C VAL F 45 -0.59 2.33 -16.59
N ILE F 46 -0.75 1.92 -17.84
CA ILE F 46 -0.84 2.86 -18.94
C ILE F 46 -2.04 3.79 -18.74
N ARG F 47 -3.17 3.25 -18.29
CA ARG F 47 -4.35 4.06 -18.04
C ARG F 47 -4.02 5.24 -17.11
N ASP F 48 -3.28 4.97 -16.03
CA ASP F 48 -2.92 6.04 -15.12
C ASP F 48 -1.86 6.94 -15.70
N ALA F 49 -0.90 6.35 -16.41
CA ALA F 49 0.15 7.15 -17.02
C ALA F 49 -0.50 8.11 -18.01
N VAL F 50 -1.33 7.58 -18.91
CA VAL F 50 -2.00 8.41 -19.89
C VAL F 50 -2.88 9.45 -19.21
N THR F 51 -3.47 9.11 -18.07
CA THR F 51 -4.27 10.11 -17.39
C THR F 51 -3.40 11.26 -16.91
N TYR F 52 -2.20 10.98 -16.41
CA TYR F 52 -1.29 12.05 -15.99
C TYR F 52 -0.89 12.85 -17.22
N THR F 53 -0.77 12.17 -18.37
CA THR F 53 -0.39 12.84 -19.60
C THR F 53 -1.42 13.87 -20.03
N GLU F 54 -2.68 13.45 -20.13
CA GLU F 54 -3.76 14.35 -20.55
C GLU F 54 -3.91 15.50 -19.58
N HIS F 55 -3.80 15.22 -18.28
CA HIS F 55 -3.95 16.28 -17.29
C HIS F 55 -2.95 17.38 -17.50
N ALA F 56 -1.79 17.03 -18.05
CA ALA F 56 -0.75 18.00 -18.30
C ALA F 56 -0.87 18.59 -19.70
N LYS F 57 -1.88 18.13 -20.44
CA LYS F 57 -2.14 18.61 -21.80
C LYS F 57 -1.07 18.25 -22.81
N ARG F 58 -0.40 17.11 -22.61
CA ARG F 58 0.64 16.68 -23.53
C ARG F 58 0.12 15.57 -24.43
N LYS F 59 0.81 15.31 -25.53
CA LYS F 59 0.37 14.23 -26.40
C LYS F 59 1.40 13.11 -26.31
N THR F 60 2.41 13.33 -25.48
CA THR F 60 3.53 12.42 -25.30
C THR F 60 3.63 11.87 -23.87
N VAL F 61 3.58 10.55 -23.74
CA VAL F 61 3.70 9.91 -22.44
C VAL F 61 5.19 9.96 -22.03
N THR F 62 5.47 10.54 -20.87
CA THR F 62 6.85 10.65 -20.41
C THR F 62 7.21 9.54 -19.43
N ALA F 63 8.51 9.32 -19.25
CA ALA F 63 8.99 8.33 -18.30
C ALA F 63 8.42 8.67 -16.91
N MET F 64 8.27 9.97 -16.63
CA MET F 64 7.71 10.38 -15.35
C MET F 64 6.22 10.04 -15.18
N ASP F 65 5.42 10.17 -16.24
CA ASP F 65 4.00 9.85 -16.08
C ASP F 65 3.93 8.41 -15.64
N VAL F 66 4.72 7.56 -16.32
CA VAL F 66 4.77 6.13 -16.02
C VAL F 66 5.21 5.90 -14.59
N VAL F 67 6.31 6.55 -14.19
CA VAL F 67 6.84 6.47 -12.83
C VAL F 67 5.77 6.87 -11.79
N TYR F 68 4.98 7.90 -12.09
CA TYR F 68 3.93 8.36 -11.17
C TYR F 68 2.78 7.37 -11.14
N ALA F 69 2.49 6.76 -12.27
CA ALA F 69 1.41 5.78 -12.38
C ALA F 69 1.81 4.58 -11.53
N LEU F 70 3.06 4.17 -11.70
CA LEU F 70 3.57 3.03 -10.95
C LEU F 70 3.51 3.28 -9.44
N LYS F 71 3.89 4.47 -8.98
CA LYS F 71 3.86 4.73 -7.54
C LYS F 71 2.43 4.66 -6.96
N ARG F 72 1.42 5.13 -7.71
CA ARG F 72 0.03 5.06 -7.25
C ARG F 72 -0.39 3.62 -6.96
N GLN F 73 0.12 2.71 -7.78
CA GLN F 73 -0.18 1.29 -7.71
C GLN F 73 0.63 0.56 -6.68
N GLY F 74 1.58 1.25 -6.05
CA GLY F 74 2.41 0.62 -5.07
C GLY F 74 3.50 -0.20 -5.73
N ARG F 75 3.93 0.24 -6.90
CA ARG F 75 5.00 -0.42 -7.63
C ARG F 75 6.11 0.61 -7.89
N THR F 76 6.50 1.37 -6.87
CA THR F 76 7.55 2.37 -7.05
C THR F 76 8.70 1.84 -7.90
N LEU F 77 9.14 2.63 -8.87
CA LEU F 77 10.23 2.22 -9.76
C LEU F 77 11.37 3.20 -9.63
N TYR F 78 12.59 2.70 -9.41
CA TYR F 78 13.75 3.58 -9.33
C TYR F 78 14.51 3.49 -10.66
N GLY F 79 15.15 4.59 -11.07
CA GLY F 79 15.94 4.56 -12.30
C GLY F 79 15.53 5.39 -13.51
N PHE F 80 14.36 6.03 -13.45
CA PHE F 80 13.89 6.82 -14.58
C PHE F 80 13.49 8.21 -14.20
N GLY F 81 14.21 8.79 -13.25
CA GLY F 81 13.88 10.12 -12.76
C GLY F 81 12.84 9.76 -11.73
N GLY F 82 12.43 8.51 -11.86
CA GLY F 82 11.46 7.90 -10.98
C GLY F 82 12.07 6.57 -10.63
N ALA G 1 -27.81 36.82 2.80
CA ALA G 1 -26.64 36.04 2.30
C ALA G 1 -26.98 34.56 2.16
N LYS G 2 -26.71 34.00 1.00
CA LYS G 2 -26.99 32.59 0.76
C LYS G 2 -25.68 31.78 0.77
N THR G 3 -25.73 30.57 1.31
CA THR G 3 -24.55 29.71 1.40
C THR G 3 -24.03 29.21 0.06
N ARG G 4 -22.76 28.82 0.03
CA ARG G 4 -22.16 28.31 -1.19
C ARG G 4 -22.70 26.94 -1.57
N SER G 5 -23.05 26.15 -0.57
CA SER G 5 -23.61 24.82 -0.82
C SER G 5 -24.94 25.03 -1.54
N SER G 6 -25.81 25.85 -0.95
CA SER G 6 -27.12 26.12 -1.53
C SER G 6 -27.02 26.56 -2.98
N ARG G 7 -26.04 27.40 -3.29
CA ARG G 7 -25.84 27.88 -4.66
C ARG G 7 -25.48 26.74 -5.62
N ALA G 8 -24.54 25.89 -5.20
CA ALA G 8 -24.10 24.77 -6.02
C ALA G 8 -25.13 23.65 -5.95
N GLY G 9 -26.16 23.86 -5.15
CA GLY G 9 -27.22 22.89 -4.98
C GLY G 9 -26.73 21.63 -4.33
N LEU G 10 -26.21 21.75 -3.12
CA LEU G 10 -25.67 20.61 -2.39
C LEU G 10 -26.02 20.64 -0.92
N GLN G 11 -25.85 19.49 -0.26
CA GLN G 11 -26.12 19.37 1.16
C GLN G 11 -24.77 19.52 1.89
N PHE G 12 -23.73 18.89 1.36
CA PHE G 12 -22.41 18.96 1.98
C PHE G 12 -21.92 20.40 2.02
N PRO G 13 -21.29 20.80 3.13
CA PRO G 13 -20.76 22.15 3.38
C PRO G 13 -19.54 22.53 2.53
N VAL G 14 -19.79 23.28 1.47
CA VAL G 14 -18.77 23.75 0.56
C VAL G 14 -17.74 24.63 1.27
N GLY G 15 -18.22 25.45 2.21
CA GLY G 15 -17.31 26.32 2.94
C GLY G 15 -16.38 25.53 3.81
N ARG G 16 -16.85 24.42 4.34
CA ARG G 16 -16.04 23.56 5.21
C ARG G 16 -14.99 22.83 4.40
N VAL G 17 -15.40 22.32 3.24
CA VAL G 17 -14.48 21.60 2.38
C VAL G 17 -13.35 22.55 1.97
N HIS G 18 -13.68 23.79 1.66
CA HIS G 18 -12.67 24.78 1.26
C HIS G 18 -11.69 25.01 2.40
N ARG G 19 -12.24 25.25 3.58
CA ARG G 19 -11.44 25.51 4.77
C ARG G 19 -10.53 24.31 5.01
N LEU G 20 -11.08 23.11 4.86
CA LEU G 20 -10.29 21.90 5.08
C LEU G 20 -9.18 21.74 4.02
N LEU G 21 -9.47 22.05 2.76
CA LEU G 21 -8.42 21.94 1.74
C LEU G 21 -7.27 22.89 2.10
N ARG G 22 -7.60 24.12 2.48
CA ARG G 22 -6.57 25.10 2.86
C ARG G 22 -5.69 24.68 4.05
N LYS G 23 -6.30 24.33 5.16
CA LYS G 23 -5.54 23.96 6.34
C LYS G 23 -4.90 22.58 6.24
N GLY G 24 -4.98 21.96 5.08
CA GLY G 24 -4.39 20.65 4.94
C GLY G 24 -3.02 20.68 4.27
N ASN G 25 -2.62 21.83 3.77
CA ASN G 25 -1.34 21.94 3.08
C ASN G 25 -1.29 20.97 1.91
N TYR G 26 -2.19 21.20 0.97
CA TYR G 26 -2.25 20.39 -0.22
C TYR G 26 -1.60 21.22 -1.33
N ALA G 27 -1.70 22.54 -1.18
CA ALA G 27 -1.14 23.49 -2.14
C ALA G 27 -1.12 24.90 -1.54
N GLU G 28 -0.39 25.80 -2.19
CA GLU G 28 -0.29 27.19 -1.74
C GLU G 28 -1.66 27.88 -1.91
N ARG G 29 -2.36 27.56 -2.98
CA ARG G 29 -3.67 28.14 -3.28
C ARG G 29 -4.75 27.07 -3.52
N VAL G 30 -5.99 27.51 -3.55
CA VAL G 30 -7.11 26.61 -3.75
C VAL G 30 -8.23 27.31 -4.49
N GLY G 31 -8.34 27.08 -5.79
CA GLY G 31 -9.40 27.70 -6.57
C GLY G 31 -10.75 27.49 -5.95
N ALA G 32 -11.70 28.36 -6.28
CA ALA G 32 -13.06 28.32 -5.75
C ALA G 32 -13.93 27.17 -6.26
N GLY G 33 -13.65 26.68 -7.46
CA GLY G 33 -14.43 25.59 -8.00
C GLY G 33 -14.08 24.26 -7.37
N ALA G 34 -12.85 24.18 -6.85
CA ALA G 34 -12.33 22.97 -6.22
C ALA G 34 -13.10 22.44 -5.03
N PRO G 35 -13.47 23.32 -4.09
CA PRO G 35 -14.22 22.82 -2.93
C PRO G 35 -15.66 22.51 -3.29
N VAL G 36 -16.13 23.07 -4.40
CA VAL G 36 -17.49 22.83 -4.87
C VAL G 36 -17.48 21.43 -5.45
N TYR G 37 -16.60 21.25 -6.42
CA TYR G 37 -16.47 19.97 -7.10
C TYR G 37 -16.26 18.85 -6.10
N LEU G 38 -15.30 19.03 -5.20
CA LEU G 38 -15.01 18.01 -4.22
C LEU G 38 -16.18 17.74 -3.27
N ALA G 39 -16.87 18.80 -2.86
CA ALA G 39 -17.99 18.62 -1.94
C ALA G 39 -19.10 17.79 -2.59
N ALA G 40 -19.30 17.97 -3.89
CA ALA G 40 -20.33 17.22 -4.60
C ALA G 40 -19.89 15.77 -4.81
N VAL G 41 -18.59 15.55 -5.02
CA VAL G 41 -18.11 14.19 -5.21
C VAL G 41 -18.26 13.43 -3.90
N LEU G 42 -18.11 14.12 -2.78
CA LEU G 42 -18.24 13.48 -1.49
C LEU G 42 -19.70 13.16 -1.17
N GLU G 43 -20.59 14.07 -1.54
CA GLU G 43 -22.02 13.88 -1.30
C GLU G 43 -22.51 12.69 -2.08
N TYR G 44 -22.12 12.64 -3.35
CA TYR G 44 -22.52 11.54 -4.22
C TYR G 44 -22.14 10.17 -3.66
N LEU G 45 -20.86 9.99 -3.35
CA LEU G 45 -20.38 8.72 -2.80
C LEU G 45 -21.11 8.39 -1.52
N THR G 46 -21.50 9.41 -0.76
CA THR G 46 -22.23 9.18 0.49
C THR G 46 -23.61 8.66 0.13
N ALA G 47 -24.20 9.23 -0.93
CA ALA G 47 -25.52 8.82 -1.40
C ALA G 47 -25.52 7.40 -1.92
N GLU G 48 -24.48 7.06 -2.68
CA GLU G 48 -24.36 5.72 -3.25
C GLU G 48 -24.28 4.66 -2.16
N ILE G 49 -23.53 4.94 -1.11
CA ILE G 49 -23.41 3.97 -0.02
C ILE G 49 -24.64 3.93 0.86
N LEU G 50 -25.25 5.08 1.14
CA LEU G 50 -26.44 5.08 1.99
C LEU G 50 -27.62 4.45 1.27
N GLU G 51 -27.65 4.58 -0.05
CA GLU G 51 -28.69 3.99 -0.87
C GLU G 51 -28.64 2.46 -0.78
N LEU G 52 -27.43 1.89 -0.91
CA LEU G 52 -27.28 0.44 -0.84
C LEU G 52 -27.41 -0.08 0.58
N ALA G 53 -26.83 0.64 1.53
CA ALA G 53 -26.89 0.25 2.95
C ALA G 53 -28.36 0.19 3.35
N GLY G 54 -29.12 1.17 2.87
CA GLY G 54 -30.55 1.23 3.14
C GLY G 54 -31.28 0.01 2.61
N ASN G 55 -30.94 -0.42 1.39
CA ASN G 55 -31.57 -1.61 0.83
C ASN G 55 -31.27 -2.78 1.75
N ALA G 56 -29.99 -2.91 2.10
CA ALA G 56 -29.56 -3.98 2.97
C ALA G 56 -30.39 -3.97 4.24
N ALA G 57 -30.70 -2.77 4.74
CA ALA G 57 -31.50 -2.62 5.95
C ALA G 57 -32.92 -3.13 5.69
N ARG G 58 -33.41 -2.89 4.47
CA ARG G 58 -34.74 -3.35 4.11
C ARG G 58 -34.71 -4.87 4.08
N ASP G 59 -33.88 -5.42 3.21
CA ASP G 59 -33.75 -6.87 3.05
C ASP G 59 -33.59 -7.63 4.37
N ASN G 60 -33.32 -6.91 5.45
CA ASN G 60 -33.16 -7.55 6.75
C ASN G 60 -34.29 -7.20 7.71
N LYS G 61 -35.38 -6.69 7.16
CA LYS G 61 -36.55 -6.30 7.95
C LYS G 61 -36.21 -5.29 9.04
N LYS G 62 -35.37 -4.32 8.67
CA LYS G 62 -34.97 -3.28 9.60
C LYS G 62 -35.08 -1.92 8.96
N THR G 63 -35.31 -0.90 9.78
CA THR G 63 -35.44 0.46 9.28
C THR G 63 -34.22 1.30 9.63
N ARG G 64 -33.43 0.83 10.59
CA ARG G 64 -32.23 1.53 11.02
C ARG G 64 -30.93 0.91 10.47
N ILE G 65 -30.19 1.69 9.69
CA ILE G 65 -28.92 1.25 9.10
C ILE G 65 -27.83 1.09 10.16
N ILE G 66 -27.29 -0.12 10.31
CA ILE G 66 -26.23 -0.36 11.28
C ILE G 66 -24.95 -0.79 10.54
N PRO G 67 -23.81 -0.81 11.23
CA PRO G 67 -22.55 -1.19 10.57
C PRO G 67 -22.64 -2.41 9.66
N ARG G 68 -23.40 -3.42 10.07
CA ARG G 68 -23.57 -4.64 9.28
C ARG G 68 -24.07 -4.24 7.89
N HIS G 69 -25.12 -3.43 7.86
CA HIS G 69 -25.69 -3.01 6.59
C HIS G 69 -24.72 -2.28 5.69
N LEU G 70 -23.80 -1.52 6.30
CA LEU G 70 -22.83 -0.79 5.51
C LEU G 70 -21.81 -1.78 4.92
N GLN G 71 -21.43 -2.80 5.69
CA GLN G 71 -20.48 -3.80 5.21
C GLN G 71 -21.07 -4.61 4.04
N LEU G 72 -22.30 -5.13 4.20
CA LEU G 72 -22.96 -5.91 3.14
C LEU G 72 -23.12 -5.11 1.87
N ALA G 73 -23.44 -3.82 2.01
CA ALA G 73 -23.61 -2.93 0.88
C ALA G 73 -22.30 -2.74 0.11
N VAL G 74 -21.21 -2.63 0.86
CA VAL G 74 -19.88 -2.42 0.27
C VAL G 74 -19.26 -3.69 -0.34
N ARG G 75 -19.27 -4.78 0.41
CA ARG G 75 -18.68 -6.00 -0.10
C ARG G 75 -19.49 -6.66 -1.22
N ASN G 76 -20.79 -6.36 -1.31
CA ASN G 76 -21.63 -6.92 -2.39
C ASN G 76 -21.63 -6.07 -3.64
N ASP G 77 -20.91 -4.95 -3.60
CA ASP G 77 -20.83 -4.05 -4.74
C ASP G 77 -19.39 -4.05 -5.25
N GLU G 78 -19.19 -4.53 -6.46
CA GLU G 78 -17.87 -4.61 -7.04
C GLU G 78 -17.00 -3.35 -6.94
N GLU G 79 -17.57 -2.19 -7.30
CA GLU G 79 -16.79 -0.95 -7.25
C GLU G 79 -16.54 -0.41 -5.86
N LEU G 80 -17.57 -0.31 -5.03
CA LEU G 80 -17.37 0.18 -3.68
C LEU G 80 -16.40 -0.72 -2.95
N ASN G 81 -16.50 -2.03 -3.18
CA ASN G 81 -15.63 -2.98 -2.54
C ASN G 81 -14.16 -2.74 -2.86
N LYS G 82 -13.88 -2.38 -4.12
CA LYS G 82 -12.52 -2.10 -4.54
C LYS G 82 -12.02 -0.80 -3.90
N LEU G 83 -12.84 0.24 -3.98
CA LEU G 83 -12.47 1.52 -3.40
C LEU G 83 -12.16 1.40 -1.91
N LEU G 84 -12.83 0.47 -1.24
CA LEU G 84 -12.60 0.27 0.19
C LEU G 84 -11.88 -1.04 0.48
N GLY G 85 -11.10 -1.48 -0.50
CA GLY G 85 -10.36 -2.73 -0.40
C GLY G 85 -9.41 -2.88 0.78
N ARG G 86 -8.78 -1.80 1.22
CA ARG G 86 -7.86 -1.87 2.36
C ARG G 86 -8.52 -1.25 3.58
N VAL G 87 -9.85 -1.27 3.60
CA VAL G 87 -10.59 -0.69 4.70
C VAL G 87 -11.40 -1.69 5.51
N THR G 88 -11.35 -1.55 6.83
CA THR G 88 -12.08 -2.42 7.74
C THR G 88 -13.22 -1.61 8.35
N ILE G 89 -14.46 -2.08 8.17
CA ILE G 89 -15.62 -1.42 8.74
C ILE G 89 -15.91 -2.12 10.08
N ALA G 90 -15.73 -1.41 11.20
CA ALA G 90 -15.96 -1.99 12.53
C ALA G 90 -17.35 -2.60 12.67
N GLN G 91 -17.42 -3.73 13.36
CA GLN G 91 -18.67 -4.45 13.56
C GLN G 91 -19.40 -4.68 12.23
N GLY G 92 -18.64 -5.05 11.20
CA GLY G 92 -19.25 -5.32 9.92
C GLY G 92 -19.44 -6.81 9.63
N GLY G 93 -18.60 -7.67 10.22
CA GLY G 93 -18.69 -9.09 9.98
C GLY G 93 -18.26 -9.37 8.55
N VAL G 94 -18.57 -10.56 8.02
CA VAL G 94 -18.20 -10.91 6.65
C VAL G 94 -19.39 -11.39 5.85
N LEU G 95 -19.21 -11.55 4.56
CA LEU G 95 -20.29 -12.04 3.70
C LEU G 95 -20.41 -13.55 3.89
N PRO G 96 -21.63 -14.08 3.95
CA PRO G 96 -21.80 -15.53 4.12
C PRO G 96 -21.23 -16.22 2.89
N ASN G 97 -20.14 -16.95 3.09
CA ASN G 97 -19.49 -17.63 1.97
C ASN G 97 -18.72 -18.87 2.42
N ILE G 98 -19.11 -20.02 1.86
CA ILE G 98 -18.49 -21.31 2.16
C ILE G 98 -17.96 -21.97 0.90
N GLN G 99 -16.66 -22.27 0.88
CA GLN G 99 -16.04 -22.92 -0.26
C GLN G 99 -16.84 -24.17 -0.52
N SER G 100 -17.32 -24.34 -1.74
CA SER G 100 -18.15 -25.48 -2.09
C SER G 100 -17.59 -26.86 -1.74
N VAL G 101 -16.29 -27.05 -1.83
CA VAL G 101 -15.73 -28.35 -1.52
C VAL G 101 -15.88 -28.74 -0.05
N LEU G 102 -16.22 -27.78 0.80
CA LEU G 102 -16.40 -28.06 2.22
C LEU G 102 -17.81 -28.49 2.56
N LEU G 103 -18.74 -28.34 1.62
CA LEU G 103 -20.14 -28.71 1.84
C LEU G 103 -20.37 -30.23 1.76
N PRO G 104 -21.40 -30.73 2.47
CA PRO G 104 -21.72 -32.16 2.48
C PRO G 104 -21.76 -32.74 1.07
N LYS G 105 -21.36 -34.00 0.96
CA LYS G 105 -21.31 -34.71 -0.33
C LYS G 105 -22.65 -34.99 -1.00
N LYS G 106 -23.72 -35.00 -0.20
CA LYS G 106 -25.07 -35.26 -0.71
C LYS G 106 -25.18 -36.59 -1.44
N THR H 1 -13.58 21.87 23.51
CA THR H 1 -13.27 22.54 22.21
C THR H 1 -14.25 21.86 21.23
N ARG H 2 -14.71 22.59 20.22
CA ARG H 2 -15.64 22.02 19.24
C ARG H 2 -15.03 20.79 18.56
N LYS H 3 -15.90 19.91 18.07
CA LYS H 3 -15.46 18.71 17.38
C LYS H 3 -16.31 18.57 16.12
N GLU H 4 -15.79 19.01 14.98
CA GLU H 4 -16.56 18.89 13.74
C GLU H 4 -16.77 17.45 13.31
N SER H 5 -17.71 17.25 12.40
CA SER H 5 -18.04 15.93 11.89
C SER H 5 -18.96 16.14 10.71
N TYR H 6 -19.07 15.14 9.84
CA TYR H 6 -19.92 15.27 8.67
C TYR H 6 -21.30 14.71 8.96
N ALA H 7 -21.51 14.25 10.19
CA ALA H 7 -22.78 13.63 10.57
C ALA H 7 -24.06 14.33 10.10
N ILE H 8 -24.21 15.64 10.30
CA ILE H 8 -25.45 16.31 9.88
C ILE H 8 -25.69 16.26 8.38
N TYR H 9 -24.64 16.46 7.57
CA TYR H 9 -24.82 16.43 6.12
C TYR H 9 -25.00 15.03 5.61
N VAL H 10 -24.62 14.04 6.42
CA VAL H 10 -24.81 12.65 6.04
C VAL H 10 -26.29 12.35 6.22
N TYR H 11 -26.79 12.60 7.44
CA TYR H 11 -28.19 12.38 7.77
C TYR H 11 -29.09 13.07 6.72
N LYS H 12 -28.74 14.29 6.30
CA LYS H 12 -29.52 15.00 5.30
C LYS H 12 -29.61 14.20 4.00
N VAL H 13 -28.48 13.65 3.58
CA VAL H 13 -28.43 12.87 2.34
C VAL H 13 -29.19 11.56 2.53
N LEU H 14 -29.18 11.04 3.76
CA LEU H 14 -29.88 9.80 4.05
C LEU H 14 -31.38 9.91 3.81
N LYS H 15 -32.01 10.92 4.39
CA LYS H 15 -33.44 11.10 4.25
C LYS H 15 -33.90 11.40 2.83
N GLN H 16 -32.98 11.77 1.94
CA GLN H 16 -33.37 12.02 0.56
C GLN H 16 -33.44 10.67 -0.17
N VAL H 17 -32.47 9.82 0.14
CA VAL H 17 -32.36 8.51 -0.47
C VAL H 17 -33.32 7.47 0.14
N HIS H 18 -33.46 7.48 1.46
CA HIS H 18 -34.34 6.56 2.16
C HIS H 18 -35.02 7.36 3.26
N PRO H 19 -36.03 8.15 2.91
CA PRO H 19 -36.81 9.01 3.81
C PRO H 19 -37.27 8.39 5.11
N ASP H 20 -37.49 7.10 5.13
CA ASP H 20 -37.99 6.47 6.34
C ASP H 20 -36.99 5.51 6.99
N THR H 21 -35.71 5.80 6.80
CA THR H 21 -34.66 4.97 7.33
C THR H 21 -33.75 5.74 8.27
N GLY H 22 -33.42 5.11 9.39
CA GLY H 22 -32.55 5.73 10.37
C GLY H 22 -31.15 5.18 10.23
N ILE H 23 -30.27 5.58 11.13
CA ILE H 23 -28.88 5.14 11.10
C ILE H 23 -28.39 5.22 12.53
N SER H 24 -27.65 4.21 12.95
CA SER H 24 -27.13 4.16 14.31
C SER H 24 -25.89 5.03 14.47
N SER H 25 -25.61 5.42 15.70
CA SER H 25 -24.45 6.23 16.00
C SER H 25 -23.19 5.56 15.48
N LYS H 26 -23.07 4.27 15.67
CA LYS H 26 -21.88 3.55 15.20
C LYS H 26 -21.77 3.59 13.68
N ALA H 27 -22.91 3.46 13.00
CA ALA H 27 -22.94 3.50 11.55
C ALA H 27 -22.61 4.91 11.09
N MET H 28 -23.05 5.90 11.85
CA MET H 28 -22.77 7.28 11.49
C MET H 28 -21.27 7.55 11.63
N SER H 29 -20.69 6.99 12.68
CA SER H 29 -19.27 7.17 12.91
C SER H 29 -18.48 6.55 11.74
N ILE H 30 -19.01 5.46 11.20
CA ILE H 30 -18.39 4.78 10.07
C ILE H 30 -18.47 5.65 8.82
N MET H 31 -19.63 6.27 8.63
CA MET H 31 -19.82 7.14 7.47
C MET H 31 -18.94 8.37 7.58
N ASN H 32 -18.69 8.85 8.79
CA ASN H 32 -17.84 10.02 8.95
C ASN H 32 -16.41 9.64 8.57
N SER H 33 -15.95 8.48 9.02
CA SER H 33 -14.62 8.01 8.68
C SER H 33 -14.51 7.94 7.16
N PHE H 34 -15.53 7.35 6.53
CA PHE H 34 -15.57 7.20 5.09
C PHE H 34 -15.40 8.53 4.37
N VAL H 35 -16.16 9.55 4.79
CA VAL H 35 -16.07 10.87 4.15
C VAL H 35 -14.70 11.50 4.37
N ASN H 36 -14.14 11.33 5.56
CA ASN H 36 -12.82 11.88 5.84
C ASN H 36 -11.78 11.18 4.98
N ASP H 37 -11.87 9.85 4.91
CA ASP H 37 -10.93 9.05 4.14
C ASP H 37 -10.95 9.43 2.66
N VAL H 38 -12.11 9.43 2.02
CA VAL H 38 -12.18 9.80 0.62
C VAL H 38 -11.67 11.21 0.38
N PHE H 39 -11.98 12.13 1.30
CA PHE H 39 -11.51 13.51 1.18
C PHE H 39 -9.98 13.55 1.12
N GLU H 40 -9.34 12.85 2.05
CA GLU H 40 -7.88 12.85 2.10
C GLU H 40 -7.26 12.16 0.89
N ARG H 41 -7.83 11.04 0.48
CA ARG H 41 -7.30 10.37 -0.68
C ARG H 41 -7.43 11.26 -1.89
N ILE H 42 -8.57 11.95 -1.99
CA ILE H 42 -8.81 12.82 -3.13
C ILE H 42 -7.92 14.06 -3.08
N ALA H 43 -7.91 14.78 -1.96
CA ALA H 43 -7.07 15.98 -1.85
C ALA H 43 -5.58 15.67 -2.04
N GLY H 44 -5.14 14.56 -1.46
CA GLY H 44 -3.75 14.18 -1.59
C GLY H 44 -3.31 13.98 -3.02
N GLU H 45 -4.16 13.34 -3.83
CA GLU H 45 -3.80 13.09 -5.22
C GLU H 45 -3.79 14.37 -6.02
N ALA H 46 -4.68 15.29 -5.68
CA ALA H 46 -4.77 16.58 -6.36
C ALA H 46 -3.48 17.31 -6.05
N SER H 47 -3.04 17.16 -4.79
CA SER H 47 -1.82 17.77 -4.29
C SER H 47 -0.63 17.37 -5.17
N ARG H 48 -0.41 16.07 -5.30
CA ARG H 48 0.67 15.55 -6.10
C ARG H 48 0.54 15.98 -7.56
N LEU H 49 -0.67 15.93 -8.09
CA LEU H 49 -0.90 16.34 -9.47
C LEU H 49 -0.40 17.76 -9.69
N ALA H 50 -0.75 18.65 -8.78
CA ALA H 50 -0.35 20.05 -8.91
C ALA H 50 1.15 20.15 -8.81
N HIS H 51 1.73 19.44 -7.83
CA HIS H 51 3.18 19.44 -7.66
C HIS H 51 3.91 18.95 -8.90
N TYR H 52 3.52 17.79 -9.40
CA TYR H 52 4.16 17.22 -10.58
C TYR H 52 4.20 18.21 -11.73
N ASN H 53 3.14 19.00 -11.88
CA ASN H 53 3.05 19.98 -12.95
C ASN H 53 3.45 21.39 -12.52
N LYS H 54 4.27 21.48 -11.49
CA LYS H 54 4.76 22.76 -10.98
C LYS H 54 3.66 23.84 -10.92
N ARG H 55 2.57 23.50 -10.23
CA ARG H 55 1.44 24.41 -10.05
C ARG H 55 1.22 24.61 -8.56
N SER H 56 0.86 25.83 -8.18
CA SER H 56 0.64 26.18 -6.78
C SER H 56 -0.83 26.23 -6.42
N THR H 57 -1.69 25.88 -7.37
CA THR H 57 -3.13 25.93 -7.13
C THR H 57 -3.85 24.62 -7.38
N ILE H 58 -4.73 24.24 -6.46
CA ILE H 58 -5.53 23.05 -6.67
C ILE H 58 -6.88 23.54 -7.17
N THR H 59 -7.12 23.41 -8.46
CA THR H 59 -8.38 23.84 -9.06
C THR H 59 -9.33 22.65 -9.20
N SER H 60 -10.52 22.88 -9.75
CA SER H 60 -11.50 21.82 -9.90
C SER H 60 -10.99 20.81 -10.91
N ARG H 61 -10.00 21.19 -11.68
CA ARG H 61 -9.42 20.31 -12.69
C ARG H 61 -8.60 19.21 -12.01
N GLU H 62 -7.82 19.58 -10.99
CA GLU H 62 -7.00 18.65 -10.25
C GLU H 62 -7.89 17.71 -9.44
N ILE H 63 -9.03 18.21 -9.00
CA ILE H 63 -9.96 17.39 -8.24
C ILE H 63 -10.56 16.38 -9.19
N GLN H 64 -10.76 16.79 -10.44
CA GLN H 64 -11.34 15.88 -11.41
C GLN H 64 -10.36 14.76 -11.77
N THR H 65 -9.14 15.11 -12.16
CA THR H 65 -8.15 14.10 -12.48
C THR H 65 -7.95 13.19 -11.25
N ALA H 66 -7.91 13.76 -10.05
CA ALA H 66 -7.74 12.93 -8.87
C ALA H 66 -8.87 11.93 -8.80
N VAL H 67 -10.10 12.39 -9.03
CA VAL H 67 -11.23 11.47 -8.97
C VAL H 67 -11.09 10.35 -10.00
N ARG H 68 -10.65 10.68 -11.21
CA ARG H 68 -10.49 9.66 -12.24
C ARG H 68 -9.44 8.63 -11.82
N LEU H 69 -8.35 9.12 -11.24
CA LEU H 69 -7.28 8.27 -10.79
C LEU H 69 -7.72 7.37 -9.63
N LEU H 70 -8.43 7.95 -8.67
CA LEU H 70 -8.85 7.22 -7.49
C LEU H 70 -10.05 6.28 -7.55
N LEU H 71 -11.12 6.69 -8.23
CA LEU H 71 -12.34 5.89 -8.27
C LEU H 71 -12.46 4.89 -9.41
N PRO H 72 -13.14 3.76 -9.14
CA PRO H 72 -13.38 2.69 -10.11
C PRO H 72 -14.44 3.05 -11.14
N GLY H 73 -14.16 2.69 -12.39
CA GLY H 73 -15.03 2.93 -13.53
C GLY H 73 -16.27 3.79 -13.43
N GLU H 74 -17.40 3.15 -13.17
CA GLU H 74 -18.69 3.82 -13.08
C GLU H 74 -18.79 4.83 -11.94
N LEU H 75 -18.25 4.50 -10.78
CA LEU H 75 -18.29 5.40 -9.65
C LEU H 75 -17.62 6.70 -10.08
N ALA H 76 -16.57 6.54 -10.88
CA ALA H 76 -15.80 7.67 -11.39
C ALA H 76 -16.57 8.50 -12.39
N LYS H 77 -17.23 7.84 -13.34
CA LYS H 77 -17.99 8.55 -14.35
C LYS H 77 -19.05 9.44 -13.70
N HIS H 78 -19.83 8.86 -12.79
CA HIS H 78 -20.90 9.57 -12.08
C HIS H 78 -20.36 10.67 -11.19
N ALA H 79 -19.28 10.39 -10.47
CA ALA H 79 -18.72 11.40 -9.59
C ALA H 79 -18.29 12.60 -10.42
N VAL H 80 -17.68 12.33 -11.57
CA VAL H 80 -17.26 13.41 -12.46
C VAL H 80 -18.50 14.20 -12.86
N SER H 81 -19.54 13.48 -13.24
CA SER H 81 -20.82 14.08 -13.63
C SER H 81 -21.38 14.98 -12.52
N GLU H 82 -21.45 14.48 -11.30
CA GLU H 82 -21.97 15.28 -10.19
C GLU H 82 -21.08 16.48 -9.99
N GLY H 83 -19.77 16.23 -10.05
CA GLY H 83 -18.80 17.29 -9.87
C GLY H 83 -18.97 18.41 -10.86
N THR H 84 -18.95 18.09 -12.15
CA THR H 84 -19.12 19.12 -13.18
C THR H 84 -20.43 19.85 -12.95
N LYS H 85 -21.48 19.09 -12.66
CA LYS H 85 -22.80 19.65 -12.43
C LYS H 85 -22.82 20.75 -11.35
N ALA H 86 -22.34 20.44 -10.15
CA ALA H 86 -22.34 21.42 -9.07
C ALA H 86 -21.47 22.65 -9.35
N VAL H 87 -20.40 22.48 -10.12
CA VAL H 87 -19.55 23.61 -10.45
C VAL H 87 -20.23 24.47 -11.49
N THR H 88 -20.98 23.85 -12.40
CA THR H 88 -21.70 24.62 -13.41
C THR H 88 -22.83 25.39 -12.73
N LYS H 89 -23.68 24.67 -12.00
CA LYS H 89 -24.79 25.27 -11.29
C LYS H 89 -24.36 26.38 -10.33
N TYR H 90 -23.14 26.27 -9.83
CA TYR H 90 -22.58 27.24 -8.90
C TYR H 90 -22.15 28.50 -9.63
N THR H 91 -21.66 28.33 -10.86
CA THR H 91 -21.22 29.46 -11.66
C THR H 91 -22.42 30.25 -12.15
N SER H 92 -23.46 29.54 -12.61
CA SER H 92 -24.67 30.18 -13.08
C SER H 92 -25.50 30.64 -11.88
N ALA H 93 -24.87 31.40 -10.99
CA ALA H 93 -25.54 31.92 -9.80
C ALA H 93 -24.70 33.00 -9.15
N LYS H 94 -25.25 34.22 -9.14
CA LYS H 94 -24.58 35.38 -8.55
C LYS H 94 -24.25 35.19 -7.08
#